data_6C12
#
_entry.id   6C12
#
_cell.length_a   52.980
_cell.length_b   100.030
_cell.length_c   232.130
_cell.angle_alpha   90.000
_cell.angle_beta   90.000
_cell.angle_gamma   90.000
#
_symmetry.space_group_name_H-M   'P 21 21 21'
#
loop_
_entity.id
_entity.type
_entity.pdbx_description
1 polymer 'Succinate dehydrogenase flavoprotein subunit'
2 polymer 'FAD assembly factor SdhE'
3 non-polymer 'FLAVIN-ADENINE DINUCLEOTIDE'
4 non-polymer 'SODIUM ION'
5 water water
#
loop_
_entity_poly.entity_id
_entity_poly.type
_entity_poly.pdbx_seq_one_letter_code
_entity_poly.pdbx_strand_id
1 'polypeptide(L)'
;MKLPVREFDAVVIGAGGAGMRAALQISQSGQTCALLSKVFPTRSHTVSAQGGITVALGNTHEDNWEWHMYDTVKGSDYIG
DQDAIEYMCKTGPEAILELEHMGLPFSRLDDGRIYQRPFGGQSKNFGGEQAARTAAAADRTGHALLHTLYQQNLKNHTTI
FSEWYALDLVKNQDGAVVGCTALCIETGEVVYFKARATVLATGGAGRIYQSTTNAHINTGDGVGMAIRAGVPVQDMEMWQ
FHPTGIAGAGVLVTEGCRGEGGYLLNKHGERFMERYAPNAKDLAGRDVVARSIMIEIREGRGCDGPWGPHAKLKLDHLGK
EVLESRLPGILELSRTFAHVDPVKEPIPVIPTCHYMMGGIPTKVTGQALTVNEKGEDVVVPGLFAVGEIACVSVHGANRL
GGNSLLDLVVFGRAAGLHLQESIAEQGALRDASESDVEASLDRLNRWNNNRNGEDPVAIRKALQECMQHNFSVFREGDAM
AKGLEQLKVIRERLKNARLDDTSSEFNTQRVECLELDNLMETAYATAVSANFRTESRGAHSRFDFPDRDDENWLCHSLYL
PESESMTRRSVNMEPKLRPAFPPKIRTY
;
B,A
2 'polypeptide(L)'
;MGSSHHHHHHSQDPDINNKARIHWACRRGMRELDISIMPFFEHEYDSLSDDEKRIFIRLLECDDPDLFNWLMNHGKPADA
ELEMMVRLIQTRNRERGPVAI
;
D,C
#
# COMPACT_ATOMS: atom_id res chain seq x y z
N MET A 1 10.41 8.08 -10.99
CA MET A 1 8.96 7.81 -11.01
C MET A 1 8.33 8.29 -9.71
N LYS A 2 7.30 9.12 -9.84
CA LYS A 2 6.49 9.50 -8.70
C LYS A 2 5.69 8.29 -8.20
N LEU A 3 5.21 7.47 -9.13
CA LEU A 3 4.35 6.36 -8.79
C LEU A 3 5.22 5.16 -8.40
N PRO A 4 4.80 4.39 -7.39
CA PRO A 4 5.60 3.19 -7.05
C PRO A 4 5.66 2.18 -8.20
N VAL A 5 6.85 1.62 -8.43
CA VAL A 5 7.10 0.70 -9.55
C VAL A 5 7.41 -0.70 -9.04
N ARG A 6 6.66 -1.68 -9.48
CA ARG A 6 6.97 -3.11 -9.26
C ARG A 6 7.36 -3.76 -10.57
N GLU A 7 8.57 -4.30 -10.62
CA GLU A 7 9.12 -4.81 -11.86
C GLU A 7 9.11 -6.33 -11.91
N PHE A 8 8.60 -6.89 -13.01
CA PHE A 8 8.59 -8.33 -13.25
C PHE A 8 8.98 -8.60 -14.71
N ASP A 9 9.32 -9.84 -15.06
CA ASP A 9 9.44 -10.21 -16.48
C ASP A 9 8.06 -10.11 -17.17
N ALA A 10 7.06 -10.73 -16.55
CA ALA A 10 5.69 -10.76 -17.06
C ALA A 10 4.73 -10.29 -16.01
N VAL A 11 3.71 -9.56 -16.49
CA VAL A 11 2.57 -9.14 -15.72
C VAL A 11 1.32 -9.72 -16.37
N VAL A 12 0.69 -10.65 -15.67
CA VAL A 12 -0.54 -11.29 -16.15
C VAL A 12 -1.75 -10.63 -15.53
N ILE A 13 -2.55 -9.98 -16.37
CA ILE A 13 -3.76 -9.28 -15.96
C ILE A 13 -4.96 -10.20 -16.15
N GLY A 14 -5.35 -10.86 -15.06
CA GLY A 14 -6.48 -11.77 -15.04
C GLY A 14 -6.08 -13.13 -14.51
N ALA A 15 -6.84 -13.67 -13.55
CA ALA A 15 -6.56 -14.99 -12.98
C ALA A 15 -7.72 -15.98 -13.10
N GLY A 16 -8.27 -16.10 -14.32
CA GLY A 16 -9.17 -17.21 -14.67
C GLY A 16 -8.33 -18.38 -15.14
N GLY A 17 -8.96 -19.37 -15.75
CA GLY A 17 -8.22 -20.46 -16.41
C GLY A 17 -7.04 -20.01 -17.28
N ALA A 18 -7.26 -19.02 -18.12
CA ALA A 18 -6.25 -18.65 -19.15
C ALA A 18 -5.05 -17.94 -18.54
N GLY A 19 -5.30 -16.91 -17.75
CA GLY A 19 -4.26 -16.14 -17.12
C GLY A 19 -3.46 -16.91 -16.09
N MET A 20 -4.12 -17.79 -15.36
CA MET A 20 -3.42 -18.61 -14.36
C MET A 20 -2.61 -19.71 -15.03
N ARG A 21 -3.12 -20.32 -16.09
CA ARG A 21 -2.31 -21.30 -16.83
C ARG A 21 -1.04 -20.67 -17.40
N ALA A 22 -1.15 -19.46 -17.96
CA ALA A 22 0.00 -18.72 -18.47
C ALA A 22 1.00 -18.34 -17.38
N ALA A 23 0.50 -17.79 -16.28
CA ALA A 23 1.35 -17.43 -15.17
C ALA A 23 2.08 -18.65 -14.60
N LEU A 24 1.41 -19.79 -14.48
CA LEU A 24 2.06 -21.03 -14.02
C LEU A 24 3.20 -21.43 -14.94
N GLN A 25 2.97 -21.35 -16.24
CA GLN A 25 4.01 -21.70 -17.22
C GLN A 25 5.20 -20.72 -17.20
N ILE A 26 4.92 -19.44 -17.06
CA ILE A 26 5.96 -18.41 -17.02
C ILE A 26 6.87 -18.61 -15.81
N SER A 27 6.26 -18.79 -14.65
CA SER A 27 6.99 -19.05 -13.42
C SER A 27 7.77 -20.37 -13.48
N GLN A 28 7.18 -21.40 -14.11
CA GLN A 28 7.89 -22.68 -14.32
C GLN A 28 9.09 -22.57 -15.25
N SER A 29 9.07 -21.62 -16.18
CA SER A 29 10.20 -21.34 -17.07
C SER A 29 11.37 -20.60 -16.44
N GLY A 30 11.29 -20.29 -15.13
CA GLY A 30 12.34 -19.54 -14.45
C GLY A 30 12.11 -18.04 -14.35
N GLN A 31 11.08 -17.51 -15.03
CA GLN A 31 10.85 -16.06 -15.13
C GLN A 31 9.93 -15.50 -14.04
N THR A 32 10.14 -14.22 -13.69
CA THR A 32 9.39 -13.57 -12.65
C THR A 32 8.03 -13.12 -13.20
N CYS A 33 6.98 -13.50 -12.49
CA CYS A 33 5.62 -13.27 -12.95
C CYS A 33 4.75 -12.71 -11.85
N ALA A 34 4.11 -11.58 -12.14
CA ALA A 34 3.07 -11.02 -11.30
C ALA A 34 1.73 -11.40 -11.90
N LEU A 35 0.82 -11.84 -11.04
CA LEU A 35 -0.56 -12.16 -11.42
C LEU A 35 -1.52 -11.18 -10.74
N LEU A 36 -2.27 -10.45 -11.54
CA LEU A 36 -3.25 -9.46 -11.05
C LEU A 36 -4.64 -10.03 -11.22
N SER A 37 -5.52 -9.87 -10.23
CA SER A 37 -6.94 -10.25 -10.39
C SER A 37 -7.83 -9.35 -9.57
N LYS A 38 -8.85 -8.75 -10.19
CA LYS A 38 -9.73 -7.86 -9.46
C LYS A 38 -10.56 -8.62 -8.41
N VAL A 39 -10.79 -9.90 -8.62
CA VAL A 39 -11.39 -10.76 -7.59
C VAL A 39 -10.45 -11.90 -7.25
N PHE A 40 -10.61 -12.48 -6.06
CA PHE A 40 -9.87 -13.68 -5.70
C PHE A 40 -10.04 -14.69 -6.84
N PRO A 41 -8.94 -15.29 -7.34
CA PRO A 41 -9.01 -16.09 -8.56
C PRO A 41 -10.13 -17.14 -8.69
N THR A 42 -10.50 -17.82 -7.59
CA THR A 42 -11.60 -18.82 -7.68
C THR A 42 -13.01 -18.22 -7.90
N ARG A 43 -13.12 -16.88 -7.96
CA ARG A 43 -14.37 -16.18 -8.29
C ARG A 43 -14.34 -15.58 -9.73
N SER A 44 -13.42 -16.06 -10.56
CA SER A 44 -13.43 -15.75 -11.99
C SER A 44 -14.61 -16.47 -12.63
N HIS A 45 -15.11 -15.90 -13.72
CA HIS A 45 -16.23 -16.50 -14.43
C HIS A 45 -15.97 -17.93 -14.92
N THR A 46 -14.69 -18.29 -15.08
CA THR A 46 -14.33 -19.69 -15.28
C THR A 46 -15.05 -20.64 -14.30
N VAL A 47 -15.31 -20.17 -13.08
CA VAL A 47 -15.94 -21.00 -12.06
C VAL A 47 -17.31 -21.56 -12.50
N SER A 48 -18.03 -20.80 -13.33
CA SER A 48 -19.33 -21.20 -13.87
C SER A 48 -19.33 -22.36 -14.87
N ALA A 49 -18.18 -22.72 -15.43
CA ALA A 49 -18.11 -23.85 -16.38
C ALA A 49 -18.39 -25.20 -15.70
N GLN A 50 -19.19 -26.01 -16.39
CA GLN A 50 -19.66 -27.32 -15.88
C GLN A 50 -19.28 -28.42 -16.85
N GLY A 51 -19.55 -29.66 -16.44
CA GLY A 51 -19.50 -30.84 -17.32
C GLY A 51 -18.18 -31.58 -17.44
N GLY A 52 -17.08 -30.96 -17.03
CA GLY A 52 -15.73 -31.53 -17.20
C GLY A 52 -15.12 -30.91 -18.44
N ASN A 64 -9.25 -38.63 -35.10
CA ASN A 64 -10.13 -38.27 -34.00
C ASN A 64 -9.93 -36.83 -33.53
N TRP A 65 -8.68 -36.39 -33.42
CA TRP A 65 -8.41 -34.97 -33.22
C TRP A 65 -8.73 -34.19 -34.50
N GLU A 66 -8.59 -34.85 -35.66
CA GLU A 66 -8.96 -34.25 -36.94
C GLU A 66 -10.47 -34.12 -37.07
N TRP A 67 -11.20 -35.03 -36.44
CA TRP A 67 -12.65 -34.91 -36.34
C TRP A 67 -13.03 -33.72 -35.47
N HIS A 68 -12.34 -33.60 -34.34
CA HIS A 68 -12.54 -32.46 -33.46
C HIS A 68 -12.26 -31.16 -34.21
N MET A 69 -11.14 -31.11 -34.94
CA MET A 69 -10.78 -29.95 -35.77
C MET A 69 -11.87 -29.60 -36.79
N TYR A 70 -12.34 -30.62 -37.51
CA TYR A 70 -13.37 -30.45 -38.52
C TYR A 70 -14.64 -29.83 -37.93
N ASP A 71 -15.14 -30.43 -36.84
CA ASP A 71 -16.30 -29.90 -36.13
C ASP A 71 -16.10 -28.43 -35.73
N THR A 72 -14.90 -28.11 -35.27
CA THR A 72 -14.57 -26.76 -34.82
C THR A 72 -14.53 -25.76 -35.99
N VAL A 73 -13.86 -26.12 -37.08
CA VAL A 73 -13.81 -25.30 -38.31
C VAL A 73 -15.22 -25.09 -38.86
N LYS A 74 -15.95 -26.18 -38.98
CA LYS A 74 -17.35 -26.15 -39.43
C LYS A 74 -18.21 -25.28 -38.52
N GLY A 75 -18.10 -25.50 -37.22
CA GLY A 75 -18.88 -24.77 -36.23
C GLY A 75 -18.55 -23.30 -36.28
N SER A 76 -17.30 -22.99 -36.61
CA SER A 76 -16.83 -21.62 -36.76
C SER A 76 -17.33 -20.91 -38.03
N ASP A 77 -18.13 -21.60 -38.86
CA ASP A 77 -18.49 -21.12 -40.19
C ASP A 77 -17.29 -20.63 -41.00
N TYR A 78 -16.18 -21.36 -40.88
CA TYR A 78 -15.01 -21.18 -41.74
C TYR A 78 -14.26 -19.84 -41.60
N ILE A 79 -14.55 -19.04 -40.56
CA ILE A 79 -13.65 -17.93 -40.21
C ILE A 79 -12.78 -18.27 -38.98
N GLY A 80 -12.90 -19.50 -38.48
CA GLY A 80 -11.93 -20.04 -37.53
C GLY A 80 -10.61 -20.29 -38.25
N ASP A 81 -9.51 -19.86 -37.63
CA ASP A 81 -8.17 -20.00 -38.20
C ASP A 81 -7.70 -21.45 -38.06
N GLN A 82 -7.38 -22.08 -39.19
CA GLN A 82 -7.25 -23.54 -39.19
C GLN A 82 -5.96 -23.98 -38.50
N ASP A 83 -4.90 -23.18 -38.68
CA ASP A 83 -3.67 -23.42 -37.95
C ASP A 83 -3.86 -23.31 -36.41
N ALA A 84 -4.62 -22.32 -35.95
CA ALA A 84 -4.90 -22.17 -34.53
C ALA A 84 -5.73 -23.33 -34.01
N ILE A 85 -6.76 -23.72 -34.80
CA ILE A 85 -7.66 -24.81 -34.43
C ILE A 85 -6.95 -26.17 -34.39
N GLU A 86 -6.07 -26.40 -35.35
CA GLU A 86 -5.24 -27.61 -35.42
C GLU A 86 -4.39 -27.71 -34.16
N TYR A 87 -3.74 -26.60 -33.81
CA TYR A 87 -2.90 -26.56 -32.63
C TYR A 87 -3.71 -26.92 -31.41
N MET A 88 -4.93 -26.38 -31.32
CA MET A 88 -5.80 -26.62 -30.16
C MET A 88 -6.22 -28.09 -30.07
N CYS A 89 -6.67 -28.65 -31.18
CA CYS A 89 -7.22 -30.00 -31.17
C CYS A 89 -6.16 -31.09 -31.00
N LYS A 90 -5.00 -30.88 -31.62
CA LYS A 90 -3.86 -31.77 -31.45
C LYS A 90 -3.27 -31.69 -30.04
N THR A 91 -3.02 -30.47 -29.55
CA THR A 91 -2.36 -30.22 -28.27
C THR A 91 -3.31 -30.35 -27.06
N GLY A 92 -4.62 -30.23 -27.32
CA GLY A 92 -5.63 -30.24 -26.28
C GLY A 92 -5.50 -31.33 -25.25
N PRO A 93 -5.52 -32.60 -25.68
CA PRO A 93 -5.44 -33.71 -24.72
C PRO A 93 -4.17 -33.72 -23.84
N GLU A 94 -3.01 -33.49 -24.43
CA GLU A 94 -1.76 -33.34 -23.66
C GLU A 94 -1.89 -32.23 -22.61
N ALA A 95 -2.44 -31.09 -23.04
CA ALA A 95 -2.58 -29.92 -22.17
C ALA A 95 -3.44 -30.18 -20.94
N ILE A 96 -4.57 -30.86 -21.15
CA ILE A 96 -5.49 -31.18 -20.08
C ILE A 96 -4.88 -32.21 -19.12
N LEU A 97 -4.27 -33.28 -19.64
CA LEU A 97 -3.68 -34.28 -18.74
C LEU A 97 -2.54 -33.70 -17.90
N GLU A 98 -1.79 -32.75 -18.45
CA GLU A 98 -0.77 -32.04 -17.66
C GLU A 98 -1.37 -31.42 -16.39
N LEU A 99 -2.63 -31.00 -16.43
CA LEU A 99 -3.32 -30.47 -15.25
C LEU A 99 -3.77 -31.56 -14.29
N GLU A 100 -4.38 -32.62 -14.82
CA GLU A 100 -4.70 -33.80 -14.01
C GLU A 100 -3.46 -34.38 -13.32
N HIS A 101 -2.29 -34.29 -13.96
CA HIS A 101 -1.06 -34.85 -13.39
C HIS A 101 -0.46 -34.04 -12.24
N MET A 102 -0.89 -32.79 -12.07
CA MET A 102 -0.46 -31.97 -10.94
C MET A 102 -1.14 -32.47 -9.65
N ALA A 138 -24.84 -27.78 -9.44
CA ALA A 138 -23.61 -27.30 -10.05
C ALA A 138 -22.41 -28.20 -9.75
N ASP A 139 -21.65 -28.55 -10.80
CA ASP A 139 -20.32 -29.19 -10.71
C ASP A 139 -19.24 -28.30 -10.07
N ARG A 140 -18.09 -28.92 -9.83
CA ARG A 140 -16.90 -28.25 -9.35
C ARG A 140 -15.87 -28.07 -10.49
N THR A 141 -16.29 -28.20 -11.75
CA THR A 141 -15.30 -28.35 -12.84
C THR A 141 -14.55 -27.04 -13.07
N GLY A 142 -15.28 -25.92 -13.07
CA GLY A 142 -14.67 -24.59 -13.13
C GLY A 142 -13.82 -24.26 -11.91
N HIS A 143 -14.33 -24.55 -10.73
CA HIS A 143 -13.64 -24.26 -9.46
C HIS A 143 -12.36 -25.09 -9.30
N ALA A 144 -12.42 -26.38 -9.64
CA ALA A 144 -11.27 -27.28 -9.55
C ALA A 144 -10.13 -26.83 -10.48
N LEU A 145 -10.47 -26.43 -11.70
CA LEU A 145 -9.47 -25.86 -12.62
C LEU A 145 -8.83 -24.62 -12.00
N LEU A 146 -9.65 -23.77 -11.39
CA LEU A 146 -9.13 -22.54 -10.78
C LEU A 146 -8.30 -22.84 -9.53
N HIS A 147 -8.81 -23.74 -8.68
CA HIS A 147 -8.16 -24.17 -7.43
C HIS A 147 -6.78 -24.77 -7.68
N THR A 148 -6.70 -25.73 -8.61
CA THR A 148 -5.42 -26.32 -9.01
C THR A 148 -4.42 -25.30 -9.52
N LEU A 149 -4.84 -24.48 -10.47
CA LEU A 149 -3.97 -23.46 -11.04
C LEU A 149 -3.55 -22.40 -10.01
N TYR A 150 -4.44 -22.07 -9.09
CA TYR A 150 -4.11 -21.14 -8.00
C TYR A 150 -3.01 -21.76 -7.13
N GLN A 151 -3.28 -22.97 -6.62
CA GLN A 151 -2.35 -23.69 -5.78
C GLN A 151 -0.97 -23.86 -6.43
N GLN A 152 -0.96 -24.20 -7.71
CA GLN A 152 0.28 -24.36 -8.46
C GLN A 152 1.04 -23.06 -8.61
N ASN A 153 0.32 -21.98 -8.88
CA ASN A 153 0.96 -20.66 -9.02
C ASN A 153 1.69 -20.26 -7.74
N LEU A 154 1.08 -20.51 -6.56
CA LEU A 154 1.73 -20.23 -5.27
C LEU A 154 2.98 -21.06 -5.09
N LYS A 155 2.84 -22.37 -5.35
CA LYS A 155 3.94 -23.33 -5.22
C LYS A 155 5.18 -22.94 -6.02
N ASN A 156 4.94 -22.54 -7.27
CA ASN A 156 6.00 -22.06 -8.15
C ASN A 156 6.33 -20.59 -8.02
N HIS A 157 5.85 -19.95 -6.95
CA HIS A 157 6.29 -18.60 -6.54
C HIS A 157 5.88 -17.49 -7.50
N THR A 158 4.77 -17.69 -8.21
CA THR A 158 4.08 -16.58 -8.87
C THR A 158 3.73 -15.56 -7.80
N THR A 159 3.96 -14.28 -8.07
CA THR A 159 3.54 -13.22 -7.14
C THR A 159 2.09 -12.84 -7.45
N ILE A 160 1.17 -13.17 -6.53
CA ILE A 160 -0.27 -12.94 -6.76
C ILE A 160 -0.75 -11.64 -6.11
N PHE A 161 -1.37 -10.79 -6.92
CA PHE A 161 -1.93 -9.52 -6.51
C PHE A 161 -3.47 -9.61 -6.59
N SER A 162 -4.04 -10.27 -5.58
CA SER A 162 -5.48 -10.50 -5.50
C SER A 162 -6.23 -9.24 -5.03
N GLU A 163 -7.36 -8.98 -5.68
CA GLU A 163 -8.13 -7.76 -5.51
C GLU A 163 -7.33 -6.52 -5.89
N TRP A 164 -6.75 -6.57 -7.09
CA TRP A 164 -6.09 -5.41 -7.69
C TRP A 164 -6.72 -5.19 -9.04
N TYR A 165 -7.01 -3.92 -9.34
CA TYR A 165 -7.72 -3.52 -10.51
C TYR A 165 -6.81 -2.81 -11.54
N ALA A 166 -6.51 -3.50 -12.65
CA ALA A 166 -5.72 -2.92 -13.73
C ALA A 166 -6.47 -1.76 -14.43
N LEU A 167 -5.78 -0.66 -14.72
CA LEU A 167 -6.42 0.54 -15.26
C LEU A 167 -6.18 0.71 -16.75
N ASP A 168 -4.93 0.85 -17.16
CA ASP A 168 -4.55 1.08 -18.55
C ASP A 168 -3.11 0.64 -18.83
N LEU A 169 -2.88 0.22 -20.06
CA LEU A 169 -1.56 -0.23 -20.47
C LEU A 169 -0.62 0.96 -20.54
N VAL A 170 0.65 0.73 -20.20
CA VAL A 170 1.67 1.76 -20.30
C VAL A 170 2.47 1.53 -21.59
N LYS A 171 2.56 2.59 -22.41
CA LYS A 171 3.38 2.58 -23.62
C LYS A 171 4.62 3.41 -23.43
N ASN A 172 5.68 3.09 -24.17
CA ASN A 172 6.87 3.95 -24.26
C ASN A 172 6.85 4.82 -25.52
N GLN A 173 7.89 5.63 -25.72
CA GLN A 173 7.93 6.52 -26.91
C GLN A 173 7.86 5.80 -28.26
N ASP A 174 8.27 4.53 -28.30
CA ASP A 174 8.20 3.70 -29.50
C ASP A 174 6.88 2.98 -29.69
N GLY A 175 6.00 3.07 -28.70
CA GLY A 175 4.70 2.43 -28.79
C GLY A 175 4.66 0.99 -28.34
N ALA A 176 5.72 0.50 -27.70
CA ALA A 176 5.68 -0.84 -27.10
C ALA A 176 4.93 -0.79 -25.77
N VAL A 177 4.31 -1.91 -25.40
CA VAL A 177 3.64 -2.01 -24.10
C VAL A 177 4.69 -2.44 -23.09
N VAL A 178 4.77 -1.72 -21.98
CA VAL A 178 5.82 -1.93 -20.97
C VAL A 178 5.24 -2.11 -19.57
N GLY A 179 3.99 -2.59 -19.53
CA GLY A 179 3.28 -2.84 -18.30
C GLY A 179 1.89 -2.21 -18.30
N CYS A 180 1.36 -2.05 -17.09
CA CYS A 180 0.07 -1.45 -16.85
C CYS A 180 0.10 -0.68 -15.51
N THR A 181 -0.86 0.20 -15.29
CA THR A 181 -1.07 0.77 -13.96
C THR A 181 -2.23 0.04 -13.36
N ALA A 182 -2.16 -0.21 -12.07
CA ALA A 182 -3.23 -0.93 -11.39
C ALA A 182 -3.46 -0.35 -9.98
N LEU A 183 -4.69 -0.42 -9.48
CA LEU A 183 -4.96 0.05 -8.11
C LEU A 183 -5.21 -1.08 -7.13
N CYS A 184 -4.72 -0.94 -5.92
CA CYS A 184 -5.00 -1.90 -4.86
C CYS A 184 -6.40 -1.57 -4.38
N ILE A 185 -7.31 -2.52 -4.45
CA ILE A 185 -8.69 -2.26 -4.05
C ILE A 185 -8.77 -2.01 -2.53
N GLU A 186 -7.95 -2.74 -1.76
CA GLU A 186 -7.93 -2.55 -0.29
C GLU A 186 -7.53 -1.13 0.16
N THR A 187 -6.48 -0.58 -0.44
CA THR A 187 -5.88 0.69 -0.02
C THR A 187 -6.12 1.87 -0.96
N GLY A 188 -6.39 1.59 -2.24
CA GLY A 188 -6.45 2.62 -3.27
C GLY A 188 -5.10 3.01 -3.84
N GLU A 189 -4.01 2.40 -3.36
CA GLU A 189 -2.67 2.64 -3.88
C GLU A 189 -2.64 2.36 -5.38
N VAL A 190 -1.90 3.16 -6.13
CA VAL A 190 -1.71 2.96 -7.56
C VAL A 190 -0.24 2.70 -7.85
N VAL A 191 -0.01 1.64 -8.62
CA VAL A 191 1.34 1.12 -8.88
C VAL A 191 1.49 0.95 -10.38
N TYR A 192 2.69 1.22 -10.89
CA TYR A 192 3.06 0.88 -12.26
C TYR A 192 3.70 -0.50 -12.22
N PHE A 193 3.05 -1.49 -12.84
CA PHE A 193 3.63 -2.83 -12.97
C PHE A 193 4.43 -2.86 -14.27
N LYS A 194 5.73 -2.71 -14.12
CA LYS A 194 6.69 -2.67 -15.23
C LYS A 194 7.03 -4.08 -15.66
N ALA A 195 6.98 -4.32 -16.97
CA ALA A 195 7.05 -5.67 -17.52
C ALA A 195 7.60 -5.73 -18.94
N ARG A 196 8.34 -6.77 -19.23
CA ARG A 196 8.75 -7.04 -20.60
C ARG A 196 7.57 -7.58 -21.40
N ALA A 197 6.72 -8.38 -20.76
CA ALA A 197 5.51 -8.91 -21.38
C ALA A 197 4.30 -8.64 -20.49
N THR A 198 3.26 -8.03 -21.08
CA THR A 198 2.01 -7.80 -20.40
C THR A 198 0.95 -8.66 -21.07
N VAL A 199 0.30 -9.52 -20.28
CA VAL A 199 -0.61 -10.56 -20.77
C VAL A 199 -2.01 -10.28 -20.30
N LEU A 200 -2.88 -9.89 -21.23
CA LEU A 200 -4.30 -9.60 -20.93
C LEU A 200 -5.05 -10.91 -20.90
N ALA A 201 -5.79 -11.15 -19.83
CA ALA A 201 -6.47 -12.42 -19.61
C ALA A 201 -7.74 -12.19 -18.80
N THR A 202 -8.44 -11.10 -19.17
CA THR A 202 -9.51 -10.53 -18.36
C THR A 202 -10.88 -11.10 -18.62
N GLY A 203 -11.00 -11.93 -19.65
CA GLY A 203 -12.22 -12.67 -19.90
C GLY A 203 -13.18 -11.89 -20.77
N GLY A 204 -14.47 -12.14 -20.56
CA GLY A 204 -15.55 -11.68 -21.47
C GLY A 204 -16.09 -10.31 -21.17
N ALA A 205 -17.19 -9.99 -21.81
CA ALA A 205 -17.82 -8.68 -21.64
C ALA A 205 -19.33 -8.69 -21.97
N GLY A 206 -20.01 -9.77 -21.59
CA GLY A 206 -21.45 -9.89 -21.77
C GLY A 206 -22.33 -8.74 -21.26
N ARG A 207 -21.83 -8.01 -20.30
CA ARG A 207 -22.57 -6.90 -19.69
C ARG A 207 -22.67 -5.62 -20.52
N ILE A 208 -22.11 -5.58 -21.73
CA ILE A 208 -22.47 -4.55 -22.71
C ILE A 208 -23.96 -4.62 -23.12
N TYR A 209 -24.59 -5.78 -22.93
CA TYR A 209 -26.02 -5.99 -23.20
C TYR A 209 -26.84 -6.00 -21.91
N GLN A 210 -28.18 -5.97 -22.02
CA GLN A 210 -29.07 -6.01 -20.83
C GLN A 210 -29.15 -7.37 -20.15
N SER A 211 -29.02 -8.44 -20.91
CA SER A 211 -29.11 -9.77 -20.36
C SER A 211 -27.85 -10.52 -20.77
N THR A 212 -27.12 -11.05 -19.77
CA THR A 212 -25.99 -11.90 -19.99
C THR A 212 -25.98 -13.05 -19.00
N THR A 213 -25.38 -14.17 -19.41
CA THR A 213 -25.08 -15.27 -18.51
C THR A 213 -23.83 -14.93 -17.66
N ASN A 214 -23.11 -13.86 -18.03
CA ASN A 214 -21.79 -13.60 -17.47
C ASN A 214 -21.96 -12.99 -16.11
N ALA A 215 -20.97 -13.25 -15.26
CA ALA A 215 -20.86 -12.64 -13.95
C ALA A 215 -20.65 -11.15 -14.14
N HIS A 216 -20.99 -10.39 -13.13
CA HIS A 216 -20.99 -8.94 -13.30
C HIS A 216 -19.59 -8.32 -13.30
N ILE A 217 -18.61 -9.12 -12.90
CA ILE A 217 -17.21 -8.77 -13.11
C ILE A 217 -16.77 -8.73 -14.59
N ASN A 218 -17.58 -9.30 -15.50
CA ASN A 218 -17.26 -9.38 -16.93
C ASN A 218 -17.59 -8.09 -17.68
N THR A 219 -16.70 -7.13 -17.57
CA THR A 219 -16.94 -5.78 -18.06
C THR A 219 -15.98 -5.37 -19.17
N GLY A 220 -15.27 -6.33 -19.75
CA GLY A 220 -14.42 -6.09 -20.93
C GLY A 220 -13.22 -5.17 -20.68
N ASP A 221 -12.63 -5.26 -19.50
CA ASP A 221 -11.54 -4.36 -19.14
C ASP A 221 -10.31 -4.47 -20.03
N GLY A 222 -9.96 -5.69 -20.42
CA GLY A 222 -8.86 -5.88 -21.35
C GLY A 222 -9.11 -5.29 -22.73
N VAL A 223 -10.37 -5.32 -23.15
CA VAL A 223 -10.74 -4.79 -24.46
C VAL A 223 -10.61 -3.25 -24.46
N GLY A 224 -11.20 -2.63 -23.44
CA GLY A 224 -11.07 -1.19 -23.23
C GLY A 224 -9.63 -0.75 -23.16
N MET A 225 -8.82 -1.54 -22.43
CA MET A 225 -7.41 -1.23 -22.25
C MET A 225 -6.67 -1.31 -23.58
N ALA A 226 -6.96 -2.36 -24.35
CA ALA A 226 -6.34 -2.54 -25.68
C ALA A 226 -6.71 -1.37 -26.59
N ILE A 227 -8.01 -1.12 -26.70
CA ILE A 227 -8.53 -0.07 -27.55
C ILE A 227 -7.88 1.27 -27.24
N ARG A 228 -7.91 1.70 -25.96
CA ARG A 228 -7.36 3.02 -25.62
C ARG A 228 -5.86 3.11 -25.87
N ALA A 229 -5.18 1.97 -25.87
CA ALA A 229 -3.77 1.95 -26.24
C ALA A 229 -3.54 1.93 -27.78
N GLY A 230 -4.59 1.97 -28.60
CA GLY A 230 -4.42 1.91 -30.07
C GLY A 230 -4.42 0.52 -30.68
N VAL A 231 -4.57 -0.52 -29.84
CA VAL A 231 -4.46 -1.91 -30.30
C VAL A 231 -5.81 -2.35 -30.86
N PRO A 232 -5.83 -2.97 -32.07
CA PRO A 232 -7.10 -3.37 -32.65
C PRO A 232 -7.78 -4.56 -31.98
N VAL A 233 -9.05 -4.72 -32.29
CA VAL A 233 -9.84 -5.85 -31.86
C VAL A 233 -10.56 -6.45 -33.07
N GLN A 234 -10.73 -7.77 -33.05
CA GLN A 234 -11.19 -8.53 -34.20
C GLN A 234 -12.49 -9.27 -33.91
N ASP A 235 -13.37 -9.34 -34.92
CA ASP A 235 -14.56 -10.16 -34.90
C ASP A 235 -15.50 -9.82 -33.72
N MET A 236 -15.58 -8.52 -33.40
CA MET A 236 -16.31 -8.09 -32.20
C MET A 236 -17.83 -8.13 -32.40
N GLU A 237 -18.26 -8.30 -33.66
CA GLU A 237 -19.63 -8.65 -33.99
C GLU A 237 -19.98 -10.09 -33.63
N MET A 238 -18.99 -10.93 -33.37
CA MET A 238 -19.25 -12.35 -33.11
C MET A 238 -19.47 -12.62 -31.64
N TRP A 239 -20.71 -12.41 -31.20
CA TRP A 239 -21.16 -12.64 -29.82
C TRP A 239 -22.16 -13.78 -29.81
N GLN A 240 -21.93 -14.79 -28.99
CA GLN A 240 -22.83 -15.93 -28.92
C GLN A 240 -23.95 -15.61 -27.94
N PHE A 241 -25.16 -15.74 -28.42
CA PHE A 241 -26.35 -15.47 -27.66
C PHE A 241 -27.13 -16.75 -27.51
N HIS A 242 -27.82 -16.91 -26.38
CA HIS A 242 -28.92 -17.87 -26.25
C HIS A 242 -30.26 -17.14 -26.36
N PRO A 243 -31.22 -17.66 -27.16
CA PRO A 243 -32.52 -16.98 -27.34
C PRO A 243 -33.35 -16.75 -26.09
N THR A 244 -33.21 -17.61 -25.10
CA THR A 244 -33.99 -17.52 -23.87
C THR A 244 -33.22 -17.66 -22.55
N GLY A 245 -32.81 -16.52 -21.99
CA GLY A 245 -32.36 -16.45 -20.60
C GLY A 245 -33.48 -15.85 -19.78
N ILE A 246 -33.47 -16.10 -18.48
CA ILE A 246 -34.49 -15.56 -17.59
C ILE A 246 -34.35 -14.04 -17.52
N ALA A 247 -35.41 -13.31 -17.84
CA ALA A 247 -35.40 -11.85 -17.83
C ALA A 247 -35.10 -11.35 -16.43
N GLY A 248 -34.21 -10.37 -16.35
CA GLY A 248 -33.71 -9.83 -15.07
C GLY A 248 -32.65 -10.68 -14.39
N ALA A 249 -32.34 -11.86 -14.93
CA ALA A 249 -31.31 -12.75 -14.39
C ALA A 249 -30.23 -13.08 -15.43
N GLY A 250 -30.64 -13.54 -16.61
CA GLY A 250 -29.71 -14.02 -17.63
C GLY A 250 -29.37 -15.51 -17.55
N VAL A 251 -29.90 -16.19 -16.54
CA VAL A 251 -29.73 -17.64 -16.40
C VAL A 251 -30.46 -18.32 -17.56
N LEU A 252 -29.75 -19.18 -18.27
CA LEU A 252 -30.30 -19.80 -19.48
C LEU A 252 -31.42 -20.75 -19.15
N VAL A 253 -32.45 -20.71 -19.99
CA VAL A 253 -33.54 -21.68 -19.98
C VAL A 253 -33.35 -22.54 -21.23
N THR A 254 -33.14 -23.85 -21.03
CA THR A 254 -32.81 -24.79 -22.10
C THR A 254 -33.81 -24.76 -23.24
N GLU A 255 -33.30 -24.94 -24.46
CA GLU A 255 -34.12 -25.17 -25.66
C GLU A 255 -35.06 -26.37 -25.44
N GLY A 256 -34.67 -27.32 -24.59
CA GLY A 256 -35.52 -28.46 -24.21
C GLY A 256 -36.93 -28.12 -23.75
N CYS A 257 -37.10 -26.95 -23.12
CA CYS A 257 -38.42 -26.40 -22.81
C CYS A 257 -39.30 -26.23 -24.03
N ARG A 258 -38.71 -25.82 -25.15
CA ARG A 258 -39.42 -25.68 -26.41
C ARG A 258 -39.56 -27.06 -27.12
N GLY A 259 -38.50 -27.86 -27.05
CA GLY A 259 -38.54 -29.27 -27.46
C GLY A 259 -39.70 -30.01 -26.82
N GLU A 260 -39.98 -29.73 -25.54
CA GLU A 260 -41.09 -30.42 -24.85
C GLU A 260 -42.50 -29.91 -25.17
N GLY A 261 -42.63 -28.82 -25.91
CA GLY A 261 -43.96 -28.25 -26.25
C GLY A 261 -44.18 -26.82 -25.79
N GLY A 262 -43.24 -26.24 -25.04
CA GLY A 262 -43.30 -24.83 -24.68
C GLY A 262 -43.22 -23.86 -25.86
N TYR A 263 -43.79 -22.68 -25.69
CA TYR A 263 -43.81 -21.69 -26.77
C TYR A 263 -43.91 -20.28 -26.23
N LEU A 264 -43.60 -19.32 -27.08
CA LEU A 264 -43.44 -17.92 -26.68
C LEU A 264 -44.70 -17.06 -26.93
N LEU A 265 -45.01 -16.20 -25.94
CA LEU A 265 -46.13 -15.25 -25.97
C LEU A 265 -45.60 -13.83 -25.93
N ASN A 266 -46.30 -12.91 -26.59
CA ASN A 266 -46.04 -11.46 -26.47
C ASN A 266 -47.07 -10.87 -25.51
N LYS A 267 -47.15 -9.54 -25.37
CA LYS A 267 -48.05 -8.93 -24.35
C LYS A 267 -49.56 -9.15 -24.61
N HIS A 268 -49.92 -9.60 -25.81
CA HIS A 268 -51.31 -9.92 -26.17
C HIS A 268 -51.61 -11.43 -26.11
N GLY A 269 -50.64 -12.22 -25.64
CA GLY A 269 -50.77 -13.68 -25.63
C GLY A 269 -50.77 -14.38 -26.99
N GLU A 270 -50.16 -13.73 -28.00
CA GLU A 270 -50.06 -14.27 -29.35
C GLU A 270 -48.77 -15.08 -29.46
N ARG A 271 -48.92 -16.31 -29.95
CA ARG A 271 -47.81 -17.21 -30.19
C ARG A 271 -47.07 -16.70 -31.44
N PHE A 272 -46.24 -15.69 -31.23
CA PHE A 272 -45.76 -14.84 -32.31
C PHE A 272 -44.80 -15.52 -33.29
N MET A 273 -44.15 -16.61 -32.85
CA MET A 273 -43.26 -17.38 -33.75
C MET A 273 -43.96 -18.02 -34.95
N GLU A 274 -45.29 -18.15 -34.87
CA GLU A 274 -46.07 -18.55 -36.03
C GLU A 274 -45.97 -17.53 -37.17
N ARG A 275 -45.85 -16.24 -36.84
CA ARG A 275 -45.64 -15.18 -37.84
C ARG A 275 -44.23 -15.19 -38.42
N TYR A 276 -43.21 -15.29 -37.57
CA TYR A 276 -41.81 -15.17 -38.02
C TYR A 276 -41.29 -16.48 -38.62
N ALA A 277 -41.81 -17.62 -38.17
CA ALA A 277 -41.37 -18.94 -38.63
C ALA A 277 -42.53 -19.94 -38.71
N PRO A 278 -43.37 -19.83 -39.78
CA PRO A 278 -44.62 -20.60 -39.88
C PRO A 278 -44.51 -22.12 -39.70
N ASN A 279 -43.39 -22.73 -40.11
CA ASN A 279 -43.21 -24.18 -39.93
C ASN A 279 -42.49 -24.52 -38.63
N ALA A 280 -41.33 -23.89 -38.43
CA ALA A 280 -40.47 -24.23 -37.30
C ALA A 280 -41.01 -23.67 -35.97
N LYS A 281 -41.65 -22.51 -36.04
CA LYS A 281 -42.25 -21.87 -34.88
C LYS A 281 -41.20 -21.69 -33.78
N ASP A 282 -41.48 -22.19 -32.56
CA ASP A 282 -40.62 -21.94 -31.41
C ASP A 282 -39.38 -22.85 -31.43
N LEU A 283 -39.37 -23.85 -32.31
CA LEU A 283 -38.16 -24.64 -32.58
C LEU A 283 -37.38 -24.19 -33.83
N ALA A 284 -37.58 -22.94 -34.26
CA ALA A 284 -36.78 -22.37 -35.36
C ALA A 284 -35.33 -22.19 -34.91
N GLY A 285 -34.48 -21.82 -35.87
CA GLY A 285 -33.06 -21.59 -35.58
C GLY A 285 -32.95 -20.58 -34.46
N ARG A 286 -31.94 -20.74 -33.62
CA ARG A 286 -31.77 -19.80 -32.53
C ARG A 286 -31.63 -18.33 -32.97
N ASP A 287 -31.04 -18.09 -34.13
CA ASP A 287 -31.01 -16.75 -34.72
C ASP A 287 -32.42 -16.14 -34.91
N VAL A 288 -33.36 -16.97 -35.33
CA VAL A 288 -34.72 -16.53 -35.67
C VAL A 288 -35.55 -16.31 -34.40
N VAL A 289 -35.52 -17.29 -33.50
CA VAL A 289 -36.24 -17.19 -32.25
C VAL A 289 -35.76 -15.98 -31.44
N ALA A 290 -34.45 -15.77 -31.39
CA ALA A 290 -33.89 -14.67 -30.57
C ALA A 290 -34.22 -13.30 -31.17
N ARG A 291 -33.96 -13.16 -32.47
CA ARG A 291 -34.29 -11.96 -33.22
C ARG A 291 -35.78 -11.61 -33.05
N SER A 292 -36.62 -12.59 -33.31
CA SER A 292 -38.08 -12.38 -33.22
C SER A 292 -38.52 -11.82 -31.85
N ILE A 293 -37.94 -12.36 -30.77
CA ILE A 293 -38.22 -11.82 -29.44
C ILE A 293 -37.89 -10.32 -29.34
N MET A 294 -36.74 -9.93 -29.86
CA MET A 294 -36.31 -8.53 -29.78
C MET A 294 -37.07 -7.61 -30.73
N ILE A 295 -37.47 -8.08 -31.90
CA ILE A 295 -38.38 -7.26 -32.77
C ILE A 295 -39.69 -6.97 -32.00
N GLU A 296 -40.23 -8.01 -31.38
CA GLU A 296 -41.47 -7.93 -30.59
C GLU A 296 -41.32 -6.91 -29.44
N ILE A 297 -40.19 -6.96 -28.76
CA ILE A 297 -39.91 -6.03 -27.65
C ILE A 297 -39.77 -4.61 -28.17
N ARG A 298 -39.08 -4.44 -29.28
CA ARG A 298 -38.73 -3.12 -29.73
C ARG A 298 -39.89 -2.41 -30.44
N GLU A 299 -40.80 -3.20 -31.02
CA GLU A 299 -42.06 -2.68 -31.57
C GLU A 299 -43.18 -2.62 -30.53
N GLY A 300 -42.85 -2.64 -29.25
CA GLY A 300 -43.81 -2.35 -28.19
C GLY A 300 -44.67 -3.51 -27.70
N ARG A 301 -44.52 -4.70 -28.28
CA ARG A 301 -45.37 -5.83 -27.90
C ARG A 301 -44.76 -6.73 -26.84
N GLY A 302 -43.60 -6.35 -26.30
CA GLY A 302 -43.01 -7.04 -25.17
C GLY A 302 -43.83 -6.90 -23.90
N CYS A 303 -43.77 -7.92 -23.06
CA CYS A 303 -44.35 -7.85 -21.73
C CYS A 303 -43.33 -7.10 -20.89
N ASP A 304 -43.80 -6.59 -19.77
CA ASP A 304 -42.95 -5.85 -18.87
C ASP A 304 -43.42 -6.17 -17.44
N GLY A 305 -42.71 -5.61 -16.47
CA GLY A 305 -42.99 -5.85 -15.05
C GLY A 305 -41.65 -5.74 -14.32
N PRO A 306 -41.50 -6.42 -13.17
CA PRO A 306 -40.26 -6.24 -12.40
C PRO A 306 -39.05 -6.93 -13.03
N TRP A 307 -39.27 -7.77 -14.03
CA TRP A 307 -38.19 -8.39 -14.79
C TRP A 307 -37.71 -7.50 -15.96
N GLY A 308 -38.40 -6.38 -16.23
CA GLY A 308 -38.10 -5.59 -17.41
C GLY A 308 -38.71 -6.24 -18.65
N PRO A 309 -38.42 -5.69 -19.84
CA PRO A 309 -39.09 -6.18 -21.06
C PRO A 309 -38.68 -7.61 -21.46
N HIS A 310 -39.64 -8.37 -21.95
CA HIS A 310 -39.46 -9.80 -22.17
C HIS A 310 -40.62 -10.40 -22.96
N ALA A 311 -40.43 -11.67 -23.36
CA ALA A 311 -41.48 -12.52 -23.87
C ALA A 311 -41.74 -13.57 -22.83
N LYS A 312 -42.94 -14.13 -22.86
CA LYS A 312 -43.34 -15.14 -21.90
C LYS A 312 -43.20 -16.55 -22.50
N LEU A 313 -42.39 -17.41 -21.86
CA LEU A 313 -42.26 -18.81 -22.27
C LEU A 313 -43.28 -19.68 -21.55
N LYS A 314 -44.39 -19.97 -22.22
CA LYS A 314 -45.49 -20.72 -21.62
C LYS A 314 -45.19 -22.21 -21.57
N LEU A 315 -45.17 -22.77 -20.37
CA LEU A 315 -44.99 -24.20 -20.15
C LEU A 315 -46.18 -24.92 -19.50
N ASP A 316 -47.10 -24.18 -18.89
CA ASP A 316 -48.10 -24.79 -18.00
C ASP A 316 -49.11 -25.70 -18.67
N HIS A 317 -49.42 -25.47 -19.95
CA HIS A 317 -50.25 -26.40 -20.73
C HIS A 317 -49.72 -27.85 -20.76
N LEU A 318 -48.41 -28.04 -20.59
CA LEU A 318 -47.83 -29.38 -20.46
C LEU A 318 -48.28 -30.14 -19.20
N GLY A 319 -48.67 -29.39 -18.16
CA GLY A 319 -49.19 -29.97 -16.93
C GLY A 319 -48.09 -30.33 -15.95
N LYS A 320 -48.46 -30.50 -14.68
CA LYS A 320 -47.51 -30.67 -13.58
C LYS A 320 -46.57 -31.87 -13.71
N GLU A 321 -47.10 -33.05 -13.99
CA GLU A 321 -46.27 -34.27 -13.91
C GLU A 321 -45.17 -34.35 -14.99
N VAL A 322 -45.45 -33.91 -16.22
CA VAL A 322 -44.42 -33.97 -17.27
C VAL A 322 -43.35 -32.90 -17.05
N LEU A 323 -43.75 -31.75 -16.50
CA LEU A 323 -42.78 -30.71 -16.13
C LEU A 323 -41.81 -31.17 -15.02
N GLU A 324 -42.37 -31.73 -13.94
CA GLU A 324 -41.56 -32.29 -12.86
C GLU A 324 -40.74 -33.51 -13.29
N SER A 325 -41.27 -34.29 -14.23
CA SER A 325 -40.55 -35.45 -14.75
C SER A 325 -39.45 -35.06 -15.73
N ARG A 326 -39.77 -34.21 -16.69
CA ARG A 326 -38.89 -33.93 -17.83
C ARG A 326 -38.14 -32.62 -17.78
N LEU A 327 -38.57 -31.67 -16.95
CA LEU A 327 -37.87 -30.38 -16.79
C LEU A 327 -37.79 -29.93 -15.31
N PRO A 328 -37.39 -30.83 -14.39
CA PRO A 328 -37.38 -30.50 -12.95
C PRO A 328 -36.41 -29.40 -12.55
N GLY A 329 -35.32 -29.27 -13.31
CA GLY A 329 -34.35 -28.20 -13.12
C GLY A 329 -34.87 -26.82 -13.50
N ILE A 330 -35.64 -26.76 -14.59
CA ILE A 330 -36.20 -25.49 -15.07
C ILE A 330 -37.19 -24.94 -14.03
N LEU A 331 -37.92 -25.84 -13.36
CA LEU A 331 -38.88 -25.47 -12.32
C LEU A 331 -38.24 -24.78 -11.12
N GLU A 332 -37.09 -25.29 -10.69
CA GLU A 332 -36.33 -24.71 -9.57
C GLU A 332 -35.60 -23.42 -9.96
N LEU A 333 -35.00 -23.39 -11.16
CA LEU A 333 -34.41 -22.15 -11.71
C LEU A 333 -35.42 -21.00 -11.86
N SER A 334 -36.61 -21.31 -12.36
CA SER A 334 -37.68 -20.33 -12.54
C SER A 334 -38.20 -19.77 -11.22
N ARG A 335 -38.45 -20.65 -10.26
CA ARG A 335 -38.96 -20.22 -8.96
C ARG A 335 -37.96 -19.33 -8.21
N THR A 336 -36.67 -19.66 -8.32
CA THR A 336 -35.64 -18.92 -7.64
C THR A 336 -35.31 -17.60 -8.34
N PHE A 337 -35.06 -17.63 -9.66
CA PHE A 337 -34.54 -16.43 -10.37
C PHE A 337 -35.54 -15.66 -11.24
N ALA A 338 -36.59 -16.32 -11.72
CA ALA A 338 -37.71 -15.62 -12.37
C ALA A 338 -38.84 -15.29 -11.37
N HIS A 339 -38.74 -15.84 -10.16
CA HIS A 339 -39.79 -15.70 -9.14
C HIS A 339 -41.19 -16.08 -9.65
N VAL A 340 -41.27 -17.03 -10.60
CA VAL A 340 -42.54 -17.59 -11.09
C VAL A 340 -42.48 -19.10 -11.08
N ASP A 341 -43.63 -19.73 -10.93
CA ASP A 341 -43.75 -21.18 -10.96
C ASP A 341 -44.29 -21.56 -12.35
N PRO A 342 -43.43 -22.14 -13.23
CA PRO A 342 -43.83 -22.56 -14.59
C PRO A 342 -45.09 -23.42 -14.69
N VAL A 343 -45.32 -24.25 -13.66
CA VAL A 343 -46.57 -25.01 -13.51
C VAL A 343 -47.84 -24.11 -13.61
N LYS A 344 -47.75 -22.85 -13.15
CA LYS A 344 -48.85 -21.89 -13.22
C LYS A 344 -48.66 -20.67 -14.15
N GLU A 345 -47.44 -20.13 -14.25
CA GLU A 345 -47.14 -18.91 -15.00
C GLU A 345 -46.04 -19.13 -16.03
N PRO A 346 -46.08 -18.40 -17.17
CA PRO A 346 -44.96 -18.45 -18.10
C PRO A 346 -43.67 -17.87 -17.53
N ILE A 347 -42.54 -18.36 -18.02
CA ILE A 347 -41.23 -17.88 -17.61
C ILE A 347 -40.89 -16.66 -18.47
N PRO A 348 -40.65 -15.49 -17.84
CA PRO A 348 -40.17 -14.33 -18.55
C PRO A 348 -38.76 -14.57 -19.06
N VAL A 349 -38.57 -14.40 -20.37
CA VAL A 349 -37.30 -14.69 -21.01
C VAL A 349 -36.89 -13.60 -21.99
N ILE A 350 -35.61 -13.58 -22.33
CA ILE A 350 -35.09 -12.62 -23.30
C ILE A 350 -33.74 -13.12 -23.84
N PRO A 351 -33.39 -12.74 -25.09
CA PRO A 351 -32.08 -13.17 -25.56
C PRO A 351 -30.93 -12.69 -24.69
N THR A 352 -29.99 -13.59 -24.46
CA THR A 352 -28.99 -13.45 -23.44
C THR A 352 -27.60 -13.74 -24.01
N CYS A 353 -26.67 -12.85 -23.69
CA CYS A 353 -25.32 -12.89 -24.22
C CYS A 353 -24.50 -13.82 -23.39
N HIS A 354 -23.78 -14.72 -24.07
CA HIS A 354 -23.02 -15.78 -23.41
C HIS A 354 -21.49 -15.68 -23.59
N TYR A 355 -21.00 -15.60 -24.82
CA TYR A 355 -19.57 -15.70 -25.09
C TYR A 355 -19.09 -14.68 -26.09
N MET A 356 -17.87 -14.19 -25.88
CA MET A 356 -17.22 -13.24 -26.78
C MET A 356 -16.19 -13.91 -27.72
N MET A 357 -16.61 -14.34 -28.90
CA MET A 357 -15.66 -14.91 -29.88
C MET A 357 -14.59 -13.90 -30.38
N GLY A 358 -14.99 -12.65 -30.51
CA GLY A 358 -14.04 -11.57 -30.82
C GLY A 358 -13.06 -11.25 -29.71
N GLY A 359 -12.13 -10.35 -30.01
CA GLY A 359 -11.16 -9.91 -29.03
C GLY A 359 -9.89 -9.43 -29.67
N ILE A 360 -8.82 -9.48 -28.87
CA ILE A 360 -7.53 -9.01 -29.32
C ILE A 360 -6.98 -10.11 -30.23
N PRO A 361 -6.67 -9.79 -31.50
CA PRO A 361 -6.13 -10.83 -32.36
C PRO A 361 -4.74 -11.23 -31.88
N THR A 362 -4.47 -12.54 -31.85
CA THR A 362 -3.21 -13.06 -31.41
C THR A 362 -2.66 -14.16 -32.30
N LYS A 363 -1.37 -14.39 -32.17
CA LYS A 363 -0.76 -15.59 -32.75
C LYS A 363 -0.95 -16.73 -31.75
N VAL A 364 -0.64 -17.94 -32.18
CA VAL A 364 -0.64 -19.12 -31.30
C VAL A 364 0.23 -18.85 -30.07
N THR A 365 1.30 -18.07 -30.24
CA THR A 365 2.19 -17.63 -29.15
C THR A 365 1.59 -16.66 -28.11
N GLY A 366 0.34 -16.22 -28.29
CA GLY A 366 -0.27 -15.21 -27.43
C GLY A 366 0.03 -13.79 -27.83
N GLN A 367 1.03 -13.56 -28.69
CA GLN A 367 1.45 -12.20 -29.06
C GLN A 367 0.31 -11.49 -29.73
N ALA A 368 -0.02 -10.33 -29.22
CA ALA A 368 -1.05 -9.49 -29.81
C ALA A 368 -0.59 -8.92 -31.13
N LEU A 369 -1.54 -8.78 -32.06
CA LEU A 369 -1.30 -8.27 -33.40
C LEU A 369 -1.99 -6.94 -33.63
N THR A 370 -1.40 -6.16 -34.54
CA THR A 370 -2.06 -5.07 -35.24
C THR A 370 -1.74 -5.20 -36.74
N VAL A 371 -2.07 -4.16 -37.51
CA VAL A 371 -1.66 -4.12 -38.91
C VAL A 371 -0.94 -2.82 -39.21
N ASN A 372 -0.15 -2.82 -40.28
CA ASN A 372 0.45 -1.59 -40.82
C ASN A 372 -0.44 -1.10 -41.97
N GLU A 373 -0.03 -0.02 -42.65
CA GLU A 373 -0.84 0.51 -43.77
C GLU A 373 -0.81 -0.36 -45.06
N LYS A 374 0.13 -1.30 -45.18
CA LYS A 374 0.02 -2.38 -46.18
C LYS A 374 -1.09 -3.40 -45.86
N GLY A 375 -1.66 -3.35 -44.66
CA GLY A 375 -2.68 -4.30 -44.23
C GLY A 375 -2.08 -5.63 -43.83
N GLU A 376 -0.79 -5.64 -43.50
CA GLU A 376 -0.10 -6.85 -43.05
C GLU A 376 -0.08 -6.90 -41.53
N ASP A 377 -0.16 -8.11 -41.01
CA ASP A 377 0.03 -8.38 -39.61
C ASP A 377 1.39 -7.88 -39.12
N VAL A 378 1.41 -7.21 -37.98
CA VAL A 378 2.64 -6.90 -37.26
C VAL A 378 2.35 -6.98 -35.77
N VAL A 379 3.25 -7.64 -35.03
CA VAL A 379 3.10 -7.88 -33.61
C VAL A 379 3.20 -6.54 -32.84
N VAL A 380 2.36 -6.38 -31.81
CA VAL A 380 2.43 -5.23 -30.90
C VAL A 380 3.48 -5.59 -29.86
N PRO A 381 4.65 -4.90 -29.84
CA PRO A 381 5.67 -5.34 -28.88
C PRO A 381 5.22 -5.22 -27.41
N GLY A 382 5.47 -6.26 -26.64
CA GLY A 382 5.23 -6.27 -25.21
C GLY A 382 3.84 -6.65 -24.76
N LEU A 383 2.94 -6.89 -25.72
CA LEU A 383 1.56 -7.21 -25.42
C LEU A 383 1.17 -8.61 -25.88
N PHE A 384 0.43 -9.30 -25.02
CA PHE A 384 -0.04 -10.66 -25.21
C PHE A 384 -1.50 -10.79 -24.75
N ALA A 385 -2.23 -11.77 -25.27
CA ALA A 385 -3.61 -12.00 -24.85
C ALA A 385 -3.92 -13.49 -24.87
N VAL A 386 -4.61 -13.95 -23.83
CA VAL A 386 -5.00 -15.36 -23.75
C VAL A 386 -6.42 -15.51 -23.15
N GLY A 387 -7.13 -16.52 -23.67
CA GLY A 387 -8.48 -16.83 -23.24
C GLY A 387 -9.58 -16.14 -24.03
N GLU A 388 -10.73 -15.97 -23.38
CA GLU A 388 -11.89 -15.34 -23.99
C GLU A 388 -11.61 -13.90 -24.47
N ILE A 389 -10.70 -13.18 -23.82
CA ILE A 389 -10.27 -11.85 -24.27
C ILE A 389 -9.62 -11.86 -25.66
N ALA A 390 -9.03 -13.01 -26.01
CA ALA A 390 -8.32 -13.15 -27.29
C ALA A 390 -9.20 -13.58 -28.46
N CYS A 391 -8.72 -13.30 -29.67
CA CYS A 391 -9.29 -13.83 -30.91
C CYS A 391 -8.14 -14.49 -31.68
N VAL A 392 -7.75 -15.69 -31.22
CA VAL A 392 -6.64 -16.45 -31.81
C VAL A 392 -7.26 -16.94 -33.07
N SER A 393 -8.47 -17.41 -32.76
CA SER A 393 -9.63 -17.68 -33.49
C SER A 393 -9.75 -19.12 -33.81
N VAL A 394 -10.00 -19.81 -32.70
CA VAL A 394 -10.43 -21.17 -32.73
C VAL A 394 -11.94 -21.26 -32.73
N HIS A 395 -12.65 -20.16 -32.49
CA HIS A 395 -14.13 -20.17 -32.50
C HIS A 395 -14.81 -19.50 -33.69
N GLY A 396 -14.05 -18.69 -34.43
CA GLY A 396 -14.57 -17.94 -35.57
C GLY A 396 -15.89 -17.25 -35.24
N ALA A 397 -16.95 -17.72 -35.91
CA ALA A 397 -18.27 -17.15 -35.81
C ALA A 397 -19.20 -17.88 -34.81
N ASN A 398 -18.71 -18.91 -34.13
CA ASN A 398 -19.51 -19.66 -33.15
C ASN A 398 -18.67 -20.63 -32.36
N ARG A 399 -18.44 -20.28 -31.09
CA ARG A 399 -17.87 -21.13 -30.05
C ARG A 399 -18.60 -22.47 -29.99
N LEU A 400 -17.85 -23.55 -29.78
CA LEU A 400 -18.41 -24.88 -29.80
C LEU A 400 -18.11 -25.58 -28.49
N GLY A 401 -19.09 -26.32 -28.00
CA GLY A 401 -19.17 -26.63 -26.57
C GLY A 401 -17.98 -27.37 -26.01
N GLY A 402 -17.30 -26.78 -25.04
CA GLY A 402 -16.05 -27.37 -24.49
C GLY A 402 -14.77 -26.68 -24.96
N ASN A 403 -14.78 -26.12 -26.16
CA ASN A 403 -13.59 -25.42 -26.66
C ASN A 403 -13.26 -24.12 -25.90
N SER A 404 -14.22 -23.56 -25.17
CA SER A 404 -13.95 -22.36 -24.38
C SER A 404 -13.14 -22.65 -23.15
N LEU A 405 -13.23 -23.86 -22.60
CA LEU A 405 -12.33 -24.26 -21.50
C LEU A 405 -10.98 -24.71 -22.07
N LEU A 406 -11.03 -25.37 -23.22
CA LEU A 406 -9.85 -25.91 -23.87
C LEU A 406 -8.90 -24.82 -24.32
N ASP A 407 -9.42 -23.77 -24.98
CA ASP A 407 -8.53 -22.69 -25.44
C ASP A 407 -7.78 -22.01 -24.29
N LEU A 408 -8.41 -21.94 -23.12
CA LEU A 408 -7.81 -21.34 -21.92
C LEU A 408 -6.48 -22.01 -21.60
N VAL A 409 -6.49 -23.35 -21.57
CA VAL A 409 -5.33 -24.12 -21.15
C VAL A 409 -4.31 -24.19 -22.27
N VAL A 410 -4.76 -24.51 -23.48
CA VAL A 410 -3.85 -24.63 -24.60
C VAL A 410 -3.10 -23.32 -24.83
N PHE A 411 -3.84 -22.21 -24.98
CA PHE A 411 -3.23 -20.91 -25.31
C PHE A 411 -2.69 -20.14 -24.11
N GLY A 412 -3.27 -20.38 -22.93
CA GLY A 412 -2.60 -19.99 -21.69
C GLY A 412 -1.19 -20.56 -21.60
N ARG A 413 -1.08 -21.86 -21.80
CA ARG A 413 0.19 -22.55 -21.72
C ARG A 413 1.14 -22.06 -22.84
N ALA A 414 0.64 -22.02 -24.08
CA ALA A 414 1.46 -21.62 -25.23
C ALA A 414 2.05 -20.22 -25.05
N ALA A 415 1.29 -19.28 -24.49
CA ALA A 415 1.86 -17.96 -24.24
C ALA A 415 3.07 -18.06 -23.28
N GLY A 416 2.92 -18.88 -22.26
CA GLY A 416 3.97 -19.11 -21.29
C GLY A 416 5.17 -19.84 -21.84
N LEU A 417 4.89 -20.91 -22.59
CA LEU A 417 5.92 -21.70 -23.26
C LEU A 417 6.79 -20.82 -24.20
N HIS A 418 6.17 -19.94 -24.97
CA HIS A 418 6.91 -19.10 -25.91
C HIS A 418 7.31 -17.70 -25.44
N LEU A 419 7.15 -17.41 -24.15
CA LEU A 419 7.28 -16.01 -23.70
C LEU A 419 8.71 -15.47 -23.88
N GLN A 420 9.67 -16.30 -23.49
CA GLN A 420 11.08 -15.97 -23.58
C GLN A 420 11.50 -15.69 -25.02
N GLU A 421 11.04 -16.54 -25.94
CA GLU A 421 11.28 -16.35 -27.37
C GLU A 421 10.59 -15.08 -27.89
N SER A 422 9.37 -14.83 -27.43
CA SER A 422 8.63 -13.62 -27.79
C SER A 422 9.33 -12.37 -27.25
N ILE A 423 9.82 -12.44 -26.02
CA ILE A 423 10.62 -11.35 -25.43
C ILE A 423 11.90 -11.11 -26.23
N ALA A 424 12.57 -12.20 -26.60
CA ALA A 424 13.71 -12.12 -27.50
C ALA A 424 13.33 -11.52 -28.85
N GLU A 425 12.17 -11.89 -29.38
CA GLU A 425 11.69 -11.34 -30.67
C GLU A 425 11.49 -9.83 -30.63
N GLN A 426 10.81 -9.34 -29.61
CA GLN A 426 10.55 -7.90 -29.51
C GLN A 426 11.81 -7.10 -29.14
N GLY A 427 12.78 -7.74 -28.49
CA GLY A 427 14.01 -7.08 -28.04
C GLY A 427 13.79 -6.22 -26.80
N ALA A 428 14.87 -5.66 -26.27
CA ALA A 428 14.79 -4.76 -25.10
C ALA A 428 13.91 -3.58 -25.41
N LEU A 429 12.96 -3.31 -24.52
CA LEU A 429 12.04 -2.18 -24.69
C LEU A 429 12.55 -1.01 -23.85
N ARG A 430 12.49 0.18 -24.41
CA ARG A 430 12.87 1.38 -23.69
C ARG A 430 11.96 1.60 -22.46
N ASP A 431 12.55 2.16 -21.41
CA ASP A 431 11.81 2.54 -20.22
C ASP A 431 10.65 3.51 -20.56
N ALA A 432 9.51 3.28 -19.91
CA ALA A 432 8.45 4.27 -19.88
C ALA A 432 8.96 5.49 -19.11
N SER A 433 8.73 6.68 -19.66
CA SER A 433 9.00 7.95 -18.97
C SER A 433 7.88 8.25 -17.97
N GLU A 434 8.01 9.34 -17.22
CA GLU A 434 6.99 9.70 -16.24
C GLU A 434 5.66 10.07 -16.90
N SER A 435 5.70 10.82 -17.99
CA SER A 435 4.45 11.18 -18.70
C SER A 435 3.78 9.98 -19.35
N ASP A 436 4.57 8.98 -19.77
CA ASP A 436 4.02 7.70 -20.26
C ASP A 436 3.16 7.06 -19.18
N VAL A 437 3.67 7.01 -17.96
CA VAL A 437 2.90 6.46 -16.84
C VAL A 437 1.67 7.32 -16.54
N GLU A 438 1.84 8.66 -16.56
CA GLU A 438 0.73 9.57 -16.30
C GLU A 438 -0.37 9.50 -17.35
N ALA A 439 0.00 9.27 -18.61
CA ALA A 439 -0.98 8.99 -19.65
C ALA A 439 -1.94 7.86 -19.25
N SER A 440 -1.40 6.78 -18.64
CA SER A 440 -2.23 5.64 -18.22
C SER A 440 -3.12 5.90 -17.00
N LEU A 441 -2.96 7.07 -16.36
CA LEU A 441 -3.74 7.50 -15.22
C LEU A 441 -4.80 8.52 -15.54
N ASP A 442 -4.75 9.11 -16.74
CA ASP A 442 -5.63 10.19 -17.17
C ASP A 442 -7.13 9.94 -16.96
N ARG A 443 -7.57 8.79 -17.42
CA ARG A 443 -8.94 8.34 -17.27
C ARG A 443 -9.34 8.26 -15.80
N LEU A 444 -8.50 7.63 -14.99
CA LEU A 444 -8.71 7.58 -13.53
C LEU A 444 -8.87 8.97 -12.93
N ASN A 445 -7.99 9.88 -13.35
CA ASN A 445 -7.95 11.23 -12.81
C ASN A 445 -9.23 11.99 -13.13
N ARG A 446 -9.78 11.79 -14.33
CA ARG A 446 -11.04 12.42 -14.67
C ARG A 446 -12.19 11.98 -13.74
N TRP A 447 -12.30 10.68 -13.44
CA TRP A 447 -13.29 10.21 -12.44
C TRP A 447 -13.10 10.87 -11.07
N ASN A 448 -11.87 10.89 -10.60
CA ASN A 448 -11.53 11.45 -9.28
C ASN A 448 -11.66 12.97 -9.15
N ASN A 449 -11.79 13.67 -10.27
CA ASN A 449 -12.12 15.11 -10.25
C ASN A 449 -13.53 15.48 -10.69
N ASN A 450 -14.44 14.50 -10.77
CA ASN A 450 -15.85 14.76 -11.12
C ASN A 450 -16.80 14.13 -10.09
N ARG A 451 -17.19 14.93 -9.10
CA ARG A 451 -18.16 14.54 -8.06
C ARG A 451 -19.58 14.83 -8.48
N ASN A 452 -19.77 15.81 -9.35
CA ASN A 452 -21.09 16.21 -9.78
C ASN A 452 -21.13 16.12 -11.31
N GLY A 453 -22.26 15.70 -11.83
CA GLY A 453 -22.34 15.27 -13.20
C GLY A 453 -23.28 14.10 -13.25
N GLU A 454 -23.14 13.32 -14.31
CA GLU A 454 -24.14 12.32 -14.61
C GLU A 454 -23.88 11.00 -13.88
N ASP A 455 -24.96 10.39 -13.42
CA ASP A 455 -24.90 9.10 -12.76
C ASP A 455 -24.48 8.01 -13.73
N PRO A 456 -23.36 7.32 -13.44
CA PRO A 456 -22.87 6.22 -14.30
C PRO A 456 -23.83 5.04 -14.44
N VAL A 457 -24.60 4.76 -13.39
CA VAL A 457 -25.58 3.65 -13.39
C VAL A 457 -26.64 3.82 -14.50
N ALA A 458 -27.11 5.05 -14.66
CA ALA A 458 -28.02 5.40 -15.73
C ALA A 458 -27.38 5.31 -17.09
N ILE A 459 -26.12 5.74 -17.18
CA ILE A 459 -25.38 5.63 -18.44
C ILE A 459 -25.23 4.16 -18.86
N ARG A 460 -24.85 3.30 -17.90
CA ARG A 460 -24.74 1.84 -18.09
C ARG A 460 -26.05 1.24 -18.62
N LYS A 461 -27.17 1.56 -17.99
CA LYS A 461 -28.47 1.05 -18.43
C LYS A 461 -28.85 1.50 -19.85
N ALA A 462 -28.57 2.74 -20.19
CA ALA A 462 -28.79 3.27 -21.55
C ALA A 462 -27.91 2.58 -22.60
N LEU A 463 -26.66 2.30 -22.26
CA LEU A 463 -25.76 1.60 -23.13
C LEU A 463 -26.31 0.20 -23.43
N GLN A 464 -26.67 -0.49 -22.34
CA GLN A 464 -27.11 -1.87 -22.42
C GLN A 464 -28.39 -1.98 -23.25
N GLU A 465 -29.35 -1.07 -23.02
CA GLU A 465 -30.59 -1.04 -23.81
C GLU A 465 -30.33 -0.82 -25.31
N CYS A 466 -29.53 0.19 -25.62
CA CYS A 466 -29.13 0.50 -26.98
C CYS A 466 -28.50 -0.73 -27.67
N MET A 467 -27.53 -1.35 -26.99
CA MET A 467 -26.87 -2.54 -27.51
C MET A 467 -27.83 -3.69 -27.74
N GLN A 468 -28.72 -3.93 -26.77
CA GLN A 468 -29.73 -5.00 -26.87
C GLN A 468 -30.74 -4.74 -28.02
N HIS A 469 -31.20 -3.50 -28.14
CA HIS A 469 -32.18 -3.18 -29.19
C HIS A 469 -31.59 -3.25 -30.59
N ASN A 470 -30.39 -2.73 -30.76
CA ASN A 470 -29.81 -2.46 -32.07
C ASN A 470 -28.60 -3.35 -32.48
N PHE A 471 -27.97 -4.02 -31.53
CA PHE A 471 -26.71 -4.73 -31.82
C PHE A 471 -26.57 -6.10 -31.14
N SER A 472 -27.69 -6.73 -30.80
CA SER A 472 -27.66 -8.07 -30.26
C SER A 472 -28.11 -8.99 -31.41
N VAL A 473 -29.34 -9.51 -31.32
CA VAL A 473 -29.81 -10.54 -32.25
C VAL A 473 -30.65 -9.96 -33.39
N PHE A 474 -31.01 -8.68 -33.30
CA PHE A 474 -31.66 -7.95 -34.40
C PHE A 474 -30.70 -6.91 -34.96
N ARG A 475 -30.12 -7.22 -36.09
CA ARG A 475 -29.14 -6.34 -36.73
C ARG A 475 -29.65 -6.01 -38.09
N GLU A 476 -29.93 -4.72 -38.29
CA GLU A 476 -30.49 -4.19 -39.51
C GLU A 476 -29.92 -2.79 -39.72
N GLY A 477 -29.65 -2.48 -40.99
CA GLY A 477 -28.84 -1.29 -41.35
C GLY A 477 -29.37 0.06 -40.90
N ASP A 478 -30.67 0.28 -41.06
CA ASP A 478 -31.27 1.54 -40.61
C ASP A 478 -31.28 1.66 -39.08
N ALA A 479 -31.73 0.62 -38.38
CA ALA A 479 -31.72 0.61 -36.92
C ALA A 479 -30.29 0.69 -36.33
N MET A 480 -29.30 0.18 -37.06
CA MET A 480 -27.91 0.28 -36.62
C MET A 480 -27.28 1.65 -36.84
N ALA A 481 -27.67 2.33 -37.92
CA ALA A 481 -27.23 3.70 -38.19
C ALA A 481 -27.67 4.67 -37.09
N LYS A 482 -28.93 4.53 -36.66
CA LYS A 482 -29.48 5.27 -35.53
C LYS A 482 -28.76 4.90 -34.25
N GLY A 483 -28.61 3.60 -34.04
CA GLY A 483 -27.92 3.07 -32.87
C GLY A 483 -26.53 3.63 -32.68
N LEU A 484 -25.77 3.70 -33.77
CA LEU A 484 -24.40 4.24 -33.75
C LEU A 484 -24.36 5.68 -33.28
N GLU A 485 -25.31 6.49 -33.75
CA GLU A 485 -25.47 7.86 -33.27
C GLU A 485 -25.88 7.94 -31.80
N GLN A 486 -26.79 7.05 -31.36
CA GLN A 486 -27.18 6.95 -29.94
C GLN A 486 -25.98 6.61 -29.08
N LEU A 487 -25.16 5.68 -29.56
CA LEU A 487 -23.93 5.33 -28.83
C LEU A 487 -22.94 6.49 -28.70
N LYS A 488 -22.87 7.36 -29.72
CA LYS A 488 -22.06 8.59 -29.61
C LYS A 488 -22.63 9.58 -28.60
N VAL A 489 -23.94 9.66 -28.49
CA VAL A 489 -24.56 10.46 -27.44
C VAL A 489 -24.22 9.90 -26.05
N ILE A 490 -24.32 8.59 -25.89
CA ILE A 490 -24.08 7.96 -24.60
C ILE A 490 -22.62 8.12 -24.15
N ARG A 491 -21.70 8.04 -25.09
CA ARG A 491 -20.31 8.17 -24.74
C ARG A 491 -19.89 9.64 -24.49
N GLU A 492 -20.60 10.62 -25.05
CA GLU A 492 -20.39 12.03 -24.64
C GLU A 492 -20.85 12.29 -23.20
N ARG A 493 -21.95 11.65 -22.81
CA ARG A 493 -22.44 11.65 -21.43
C ARG A 493 -21.49 11.00 -20.41
N LEU A 494 -20.82 9.92 -20.82
CA LEU A 494 -19.86 9.21 -19.95
C LEU A 494 -18.65 10.10 -19.60
N LYS A 495 -18.32 11.02 -20.49
CA LYS A 495 -17.27 12.02 -20.24
C LYS A 495 -17.62 13.12 -19.25
N ASN A 496 -18.88 13.19 -18.82
CA ASN A 496 -19.29 14.08 -17.73
C ASN A 496 -19.95 13.30 -16.60
N ALA A 497 -19.56 12.03 -16.46
CA ALA A 497 -20.14 11.14 -15.47
C ALA A 497 -19.41 11.30 -14.14
N ARG A 498 -20.17 11.27 -13.04
CA ARG A 498 -19.63 11.54 -11.72
C ARG A 498 -19.19 10.28 -10.99
N LEU A 499 -18.27 10.47 -10.04
CA LEU A 499 -17.91 9.49 -9.03
C LEU A 499 -18.23 10.15 -7.68
N ASP A 500 -19.25 9.66 -6.98
CA ASP A 500 -19.68 10.24 -5.69
C ASP A 500 -18.62 10.03 -4.61
N ASP A 501 -18.21 8.78 -4.46
CA ASP A 501 -17.39 8.33 -3.36
C ASP A 501 -15.94 8.70 -3.63
N THR A 502 -15.42 9.61 -2.80
CA THR A 502 -14.05 10.09 -2.87
C THR A 502 -13.07 9.32 -1.95
N SER A 503 -13.52 8.23 -1.31
CA SER A 503 -12.64 7.50 -0.40
C SER A 503 -11.64 6.62 -1.18
N SER A 504 -10.51 6.33 -0.53
CA SER A 504 -9.42 5.56 -1.13
C SER A 504 -9.56 4.04 -0.90
N GLU A 505 -10.00 3.65 0.28
CA GLU A 505 -10.08 2.25 0.70
C GLU A 505 -11.39 1.53 0.29
N PHE A 506 -11.27 0.39 -0.38
CA PHE A 506 -12.42 -0.38 -0.88
C PHE A 506 -13.51 0.51 -1.52
N ASN A 507 -13.11 1.38 -2.44
CA ASN A 507 -14.05 2.21 -3.17
C ASN A 507 -14.51 1.42 -4.41
N THR A 508 -15.61 0.69 -4.26
CA THR A 508 -16.19 -0.11 -5.34
C THR A 508 -16.76 0.78 -6.44
N GLN A 509 -17.44 1.84 -6.05
CA GLN A 509 -18.03 2.77 -7.02
C GLN A 509 -17.02 3.27 -8.05
N ARG A 510 -15.79 3.55 -7.61
CA ARG A 510 -14.70 3.94 -8.51
C ARG A 510 -14.37 2.82 -9.50
N VAL A 511 -14.31 1.57 -9.02
CA VAL A 511 -14.07 0.43 -9.91
C VAL A 511 -15.19 0.33 -10.95
N GLU A 512 -16.42 0.32 -10.49
CA GLU A 512 -17.61 0.26 -11.35
C GLU A 512 -17.64 1.38 -12.38
N CYS A 513 -17.22 2.58 -12.00
CA CYS A 513 -17.06 3.67 -12.97
C CYS A 513 -16.00 3.34 -14.01
N LEU A 514 -14.85 2.85 -13.56
CA LEU A 514 -13.76 2.46 -14.48
C LEU A 514 -14.18 1.33 -15.40
N GLU A 515 -14.96 0.39 -14.87
CA GLU A 515 -15.51 -0.69 -15.68
C GLU A 515 -16.45 -0.18 -16.77
N LEU A 516 -17.20 0.87 -16.51
CA LEU A 516 -18.13 1.40 -17.50
C LEU A 516 -17.42 1.96 -18.75
N ASP A 517 -16.23 2.51 -18.56
CA ASP A 517 -15.43 3.01 -19.68
C ASP A 517 -15.08 1.86 -20.59
N ASN A 518 -14.85 0.69 -20.02
CA ASN A 518 -14.53 -0.50 -20.79
C ASN A 518 -15.75 -1.13 -21.48
N LEU A 519 -16.88 -1.20 -20.79
CA LEU A 519 -18.15 -1.54 -21.44
C LEU A 519 -18.42 -0.63 -22.65
N MET A 520 -18.23 0.68 -22.45
CA MET A 520 -18.45 1.63 -23.53
C MET A 520 -17.55 1.38 -24.75
N GLU A 521 -16.26 1.08 -24.54
CA GLU A 521 -15.34 0.82 -25.65
C GLU A 521 -15.66 -0.51 -26.35
N THR A 522 -15.90 -1.55 -25.55
CA THR A 522 -16.28 -2.88 -26.07
C THR A 522 -17.59 -2.85 -26.84
N ALA A 523 -18.55 -2.07 -26.35
CA ALA A 523 -19.82 -1.94 -27.02
C ALA A 523 -19.71 -1.21 -28.35
N TYR A 524 -18.94 -0.12 -28.38
CA TYR A 524 -18.83 0.70 -29.59
C TYR A 524 -18.09 -0.10 -30.66
N ALA A 525 -17.02 -0.78 -30.28
CA ALA A 525 -16.32 -1.65 -31.23
C ALA A 525 -17.24 -2.73 -31.83
N THR A 526 -17.99 -3.42 -30.98
CA THR A 526 -18.99 -4.41 -31.41
C THR A 526 -20.01 -3.78 -32.39
N ALA A 527 -20.62 -2.69 -31.97
CA ALA A 527 -21.57 -1.95 -32.82
C ALA A 527 -21.00 -1.60 -34.20
N VAL A 528 -19.81 -1.00 -34.25
CA VAL A 528 -19.21 -0.59 -35.54
C VAL A 528 -18.92 -1.80 -36.42
N SER A 529 -18.40 -2.86 -35.80
CA SER A 529 -18.15 -4.13 -36.47
C SER A 529 -19.44 -4.79 -37.01
N ALA A 530 -20.47 -4.83 -36.18
CA ALA A 530 -21.76 -5.41 -36.59
C ALA A 530 -22.37 -4.72 -37.82
N ASN A 531 -22.28 -3.39 -37.86
CA ASN A 531 -22.79 -2.60 -38.98
C ASN A 531 -21.96 -2.82 -40.24
N PHE A 532 -20.66 -3.05 -40.06
CA PHE A 532 -19.70 -3.29 -41.15
C PHE A 532 -19.95 -4.58 -41.93
N ARG A 533 -20.19 -5.68 -41.21
CA ARG A 533 -20.29 -7.00 -41.85
C ARG A 533 -21.68 -7.19 -42.44
N THR A 534 -21.77 -6.98 -43.76
CA THR A 534 -23.00 -7.06 -44.52
C THR A 534 -23.19 -8.47 -45.08
N GLU A 535 -23.36 -9.42 -44.16
CA GLU A 535 -23.71 -10.81 -44.46
C GLU A 535 -24.23 -11.38 -43.17
N SER A 536 -24.67 -12.63 -43.21
CA SER A 536 -25.03 -13.37 -42.00
C SER A 536 -24.10 -14.55 -41.91
N ARG A 537 -23.37 -14.66 -40.82
CA ARG A 537 -22.48 -15.79 -40.60
C ARG A 537 -22.47 -16.13 -39.12
N GLY A 538 -22.84 -17.36 -38.76
CA GLY A 538 -22.75 -17.85 -37.40
C GLY A 538 -23.56 -16.97 -36.47
N ALA A 539 -22.99 -16.62 -35.34
CA ALA A 539 -23.67 -15.80 -34.33
C ALA A 539 -24.05 -14.35 -34.79
N HIS A 540 -23.46 -13.85 -35.87
CA HIS A 540 -23.79 -12.55 -36.46
C HIS A 540 -24.88 -12.77 -37.52
N SER A 541 -26.10 -12.35 -37.18
CA SER A 541 -27.26 -12.55 -38.03
C SER A 541 -27.81 -11.18 -38.45
N ARG A 542 -27.90 -10.96 -39.76
CA ARG A 542 -28.45 -9.70 -40.27
C ARG A 542 -29.74 -9.87 -41.04
N PHE A 543 -30.72 -9.09 -40.62
CA PHE A 543 -32.04 -9.16 -41.22
C PHE A 543 -32.03 -8.68 -42.67
N ASP A 544 -31.32 -7.57 -42.93
CA ASP A 544 -31.16 -7.00 -44.28
C ASP A 544 -30.16 -7.74 -45.20
N PHE A 545 -29.32 -8.61 -44.63
CA PHE A 545 -28.37 -9.43 -45.40
C PHE A 545 -28.37 -10.85 -44.81
N PRO A 546 -29.40 -11.65 -45.11
CA PRO A 546 -29.58 -12.96 -44.46
C PRO A 546 -28.64 -14.09 -44.87
N ASP A 547 -27.92 -13.95 -45.98
CA ASP A 547 -27.08 -15.02 -46.50
C ASP A 547 -25.63 -14.89 -46.05
N ARG A 548 -24.95 -16.03 -46.04
CA ARG A 548 -23.51 -16.10 -45.86
C ARG A 548 -22.83 -15.76 -47.18
N ASP A 549 -21.77 -14.95 -47.13
CA ASP A 549 -21.11 -14.46 -48.34
C ASP A 549 -19.61 -14.76 -48.28
N ASP A 550 -19.23 -15.93 -48.78
CA ASP A 550 -17.83 -16.34 -48.78
C ASP A 550 -16.97 -15.63 -49.83
N GLU A 551 -17.60 -15.02 -50.82
CA GLU A 551 -16.91 -14.25 -51.85
C GLU A 551 -16.28 -13.00 -51.21
N ASN A 552 -17.08 -12.25 -50.45
CA ASN A 552 -16.63 -10.97 -49.86
C ASN A 552 -16.26 -11.04 -48.39
N TRP A 553 -16.80 -12.02 -47.66
CA TRP A 553 -16.74 -11.98 -46.21
C TRP A 553 -16.20 -13.25 -45.57
N LEU A 554 -15.55 -14.12 -46.34
CA LEU A 554 -14.79 -15.21 -45.72
C LEU A 554 -13.50 -14.60 -45.16
N CYS A 555 -13.63 -13.92 -44.02
CA CYS A 555 -12.57 -13.09 -43.47
C CYS A 555 -12.94 -12.65 -42.06
N HIS A 556 -11.94 -12.12 -41.36
CA HIS A 556 -12.14 -11.49 -40.07
C HIS A 556 -12.45 -10.02 -40.25
N SER A 557 -13.23 -9.47 -39.30
CA SER A 557 -13.42 -8.02 -39.16
C SER A 557 -12.36 -7.49 -38.22
N LEU A 558 -11.96 -6.23 -38.43
CA LEU A 558 -10.91 -5.60 -37.62
C LEU A 558 -11.18 -4.12 -37.41
N TYR A 559 -11.56 -3.82 -36.17
CA TYR A 559 -11.79 -2.47 -35.67
C TYR A 559 -10.46 -1.80 -35.30
N LEU A 560 -10.18 -0.66 -35.96
CA LEU A 560 -8.93 0.10 -35.81
C LEU A 560 -9.22 1.31 -34.93
N PRO A 561 -8.80 1.28 -33.66
CA PRO A 561 -9.19 2.34 -32.73
C PRO A 561 -8.73 3.74 -33.06
N GLU A 562 -7.58 3.89 -33.74
CA GLU A 562 -7.04 5.24 -34.00
C GLU A 562 -7.92 6.09 -34.91
N SER A 563 -8.63 5.43 -35.83
CA SER A 563 -9.67 6.08 -36.63
C SER A 563 -11.08 5.50 -36.40
N GLU A 564 -11.22 4.57 -35.46
CA GLU A 564 -12.50 3.85 -35.18
C GLU A 564 -13.17 3.29 -36.45
N SER A 565 -12.35 2.93 -37.42
CA SER A 565 -12.81 2.47 -38.72
C SER A 565 -12.44 1.01 -38.85
N MET A 566 -12.99 0.38 -39.89
CA MET A 566 -12.94 -1.04 -40.06
C MET A 566 -12.12 -1.44 -41.27
N THR A 567 -11.61 -2.66 -41.20
CA THR A 567 -10.94 -3.33 -42.32
C THR A 567 -11.10 -4.84 -42.14
N ARG A 568 -10.52 -5.61 -43.05
CA ARG A 568 -10.63 -7.07 -43.03
C ARG A 568 -9.28 -7.65 -42.76
N ARG A 569 -9.27 -8.89 -42.29
CA ARG A 569 -8.04 -9.63 -42.11
C ARG A 569 -8.28 -11.07 -42.55
N SER A 570 -7.26 -11.72 -43.09
CA SER A 570 -7.43 -13.05 -43.65
C SER A 570 -7.65 -14.13 -42.60
N VAL A 571 -8.48 -15.11 -42.95
CA VAL A 571 -8.61 -16.32 -42.16
C VAL A 571 -7.50 -17.27 -42.57
N ASN A 572 -6.77 -17.80 -41.59
CA ASN A 572 -5.74 -18.79 -41.89
C ASN A 572 -6.39 -20.10 -42.37
N MET A 573 -5.90 -20.56 -43.52
CA MET A 573 -6.37 -21.79 -44.17
C MET A 573 -5.18 -22.72 -44.46
N GLU A 574 -4.25 -22.78 -43.52
CA GLU A 574 -2.99 -23.47 -43.72
C GLU A 574 -2.55 -24.23 -42.48
N PRO A 575 -3.22 -25.36 -42.20
CA PRO A 575 -2.71 -26.27 -41.17
C PRO A 575 -1.37 -26.88 -41.57
N LYS A 576 -0.61 -27.34 -40.59
CA LYS A 576 0.71 -27.93 -40.83
C LYS A 576 0.64 -29.44 -41.09
N LEU A 577 -0.17 -30.16 -40.34
CA LEU A 577 -0.19 -31.64 -40.34
C LEU A 577 -1.21 -32.25 -41.31
N ARG A 578 -2.11 -31.41 -41.83
CA ARG A 578 -3.40 -31.85 -42.34
C ARG A 578 -3.77 -30.94 -43.51
N PRO A 579 -4.33 -31.48 -44.61
CA PRO A 579 -4.94 -30.54 -45.56
C PRO A 579 -6.05 -29.63 -44.98
N ALA A 580 -6.19 -28.44 -45.56
CA ALA A 580 -7.20 -27.49 -45.14
C ALA A 580 -8.59 -28.06 -45.38
N PHE A 581 -9.53 -27.69 -44.53
CA PHE A 581 -10.94 -27.98 -44.74
C PHE A 581 -11.53 -26.84 -45.56
N PRO A 582 -11.94 -27.11 -46.82
CA PRO A 582 -12.52 -26.01 -47.59
C PRO A 582 -13.96 -25.73 -47.17
N PRO A 583 -14.48 -24.52 -47.49
CA PRO A 583 -15.92 -24.25 -47.46
C PRO A 583 -16.54 -24.56 -48.82
N ASP B 15 -14.16 -7.36 10.86
CA ASP B 15 -14.70 -5.98 11.08
C ASP B 15 -16.04 -5.80 10.36
N ILE B 16 -17.11 -5.96 11.12
CA ILE B 16 -18.47 -5.87 10.57
C ILE B 16 -18.86 -4.48 10.07
N ASN B 17 -18.17 -3.45 10.58
CA ASN B 17 -18.45 -2.07 10.18
C ASN B 17 -17.82 -1.72 8.82
N ASN B 18 -16.74 -2.41 8.45
CA ASN B 18 -16.10 -2.20 7.14
C ASN B 18 -16.98 -2.77 6.03
N LYS B 19 -18.01 -2.00 5.70
CA LYS B 19 -19.07 -2.40 4.77
C LYS B 19 -18.55 -2.36 3.33
N ALA B 20 -17.64 -1.43 3.05
CA ALA B 20 -16.98 -1.31 1.75
C ALA B 20 -16.21 -2.58 1.36
N ARG B 21 -15.45 -3.12 2.32
CA ARG B 21 -14.71 -4.37 2.15
C ARG B 21 -15.62 -5.55 1.83
N ILE B 22 -16.68 -5.70 2.62
CA ILE B 22 -17.65 -6.80 2.48
C ILE B 22 -18.41 -6.71 1.15
N HIS B 23 -18.63 -5.48 0.68
CA HIS B 23 -19.29 -5.24 -0.62
C HIS B 23 -18.50 -5.87 -1.78
N TRP B 24 -17.18 -5.76 -1.73
CA TRP B 24 -16.32 -6.37 -2.75
C TRP B 24 -16.39 -7.90 -2.72
N ALA B 25 -16.49 -8.47 -1.52
CA ALA B 25 -16.62 -9.93 -1.37
C ALA B 25 -17.93 -10.50 -1.96
N CYS B 26 -18.92 -9.64 -2.23
CA CYS B 26 -20.14 -10.05 -2.91
C CYS B 26 -20.04 -10.16 -4.44
N ARG B 27 -18.93 -9.74 -5.04
CA ARG B 27 -18.74 -9.92 -6.49
C ARG B 27 -18.18 -11.32 -6.74
N ARG B 28 -18.96 -12.14 -7.43
CA ARG B 28 -18.69 -13.55 -7.59
C ARG B 28 -18.38 -13.88 -9.04
N GLY B 29 -18.11 -15.16 -9.29
CA GLY B 29 -17.88 -15.66 -10.62
C GLY B 29 -19.06 -16.32 -11.29
N MET B 30 -20.26 -16.20 -10.69
CA MET B 30 -21.50 -16.68 -11.27
C MET B 30 -22.56 -15.58 -11.21
N ARG B 31 -23.23 -15.36 -12.35
CA ARG B 31 -24.38 -14.48 -12.42
C ARG B 31 -25.45 -14.80 -11.36
N GLU B 32 -25.72 -16.08 -11.12
CA GLU B 32 -26.73 -16.51 -10.12
C GLU B 32 -26.40 -16.01 -8.70
N LEU B 33 -25.12 -16.01 -8.34
CA LEU B 33 -24.70 -15.49 -7.04
C LEU B 33 -24.74 -13.96 -6.98
N ASP B 34 -24.36 -13.28 -8.06
CA ASP B 34 -24.51 -11.80 -8.14
C ASP B 34 -25.91 -11.34 -7.82
N ILE B 35 -26.89 -12.01 -8.42
CA ILE B 35 -28.32 -11.76 -8.18
C ILE B 35 -28.71 -12.14 -6.75
N SER B 36 -28.15 -13.22 -6.22
CA SER B 36 -28.55 -13.75 -4.92
C SER B 36 -27.92 -13.04 -3.72
N ILE B 37 -26.70 -12.53 -3.88
CA ILE B 37 -25.93 -12.02 -2.74
C ILE B 37 -25.81 -10.48 -2.70
N MET B 38 -25.47 -9.87 -3.85
CA MET B 38 -25.26 -8.43 -3.88
C MET B 38 -26.51 -7.59 -3.50
N PRO B 39 -27.70 -7.93 -4.04
CA PRO B 39 -28.88 -7.19 -3.57
C PRO B 39 -29.18 -7.40 -2.09
N PHE B 40 -29.07 -8.64 -1.64
CA PHE B 40 -29.23 -8.99 -0.24
C PHE B 40 -28.33 -8.13 0.63
N PHE B 41 -27.06 -8.05 0.27
CA PHE B 41 -26.11 -7.25 1.02
C PHE B 41 -26.51 -5.79 1.02
N GLU B 42 -26.87 -5.28 -0.14
CA GLU B 42 -27.19 -3.88 -0.29
C GLU B 42 -28.47 -3.51 0.45
N HIS B 43 -29.52 -4.33 0.32
CA HIS B 43 -30.80 -4.05 0.99
C HIS B 43 -30.90 -4.52 2.44
N GLU B 44 -30.23 -5.61 2.81
CA GLU B 44 -30.49 -6.31 4.09
C GLU B 44 -29.39 -6.26 5.14
N TYR B 45 -28.16 -5.90 4.77
CA TYR B 45 -27.01 -6.07 5.69
C TYR B 45 -27.16 -5.29 7.01
N ASP B 46 -27.67 -4.06 6.91
CA ASP B 46 -27.85 -3.19 8.07
C ASP B 46 -28.99 -3.65 8.98
N SER B 47 -29.96 -4.39 8.46
CA SER B 47 -30.98 -5.04 9.29
C SER B 47 -30.46 -6.23 10.16
N LEU B 48 -29.23 -6.68 9.92
CA LEU B 48 -28.65 -7.82 10.63
C LEU B 48 -28.03 -7.43 11.96
N SER B 49 -28.10 -8.34 12.94
CA SER B 49 -27.34 -8.20 14.21
C SER B 49 -25.86 -8.38 13.95
N ASP B 50 -25.07 -8.01 14.94
CA ASP B 50 -23.61 -8.20 14.94
C ASP B 50 -23.17 -9.64 14.68
N ASP B 51 -23.86 -10.59 15.28
CA ASP B 51 -23.53 -12.01 15.06
C ASP B 51 -23.84 -12.46 13.64
N GLU B 52 -25.03 -12.09 13.14
CA GLU B 52 -25.44 -12.36 11.75
C GLU B 52 -24.44 -11.79 10.75
N LYS B 53 -24.04 -10.54 10.97
CA LYS B 53 -23.05 -9.88 10.11
C LYS B 53 -21.75 -10.66 10.02
N ARG B 54 -21.25 -11.15 11.17
CA ARG B 54 -20.04 -11.96 11.18
C ARG B 54 -20.24 -13.26 10.42
N ILE B 55 -21.40 -13.89 10.58
CA ILE B 55 -21.73 -15.13 9.87
C ILE B 55 -21.80 -14.94 8.34
N PHE B 56 -22.35 -13.80 7.89
CA PHE B 56 -22.45 -13.49 6.45
C PHE B 56 -21.07 -13.32 5.81
N ILE B 57 -20.16 -12.68 6.54
CA ILE B 57 -18.77 -12.50 6.13
C ILE B 57 -18.05 -13.84 5.98
N ARG B 58 -18.28 -14.75 6.93
CA ARG B 58 -17.71 -16.10 6.85
C ARG B 58 -18.30 -16.92 5.69
N LEU B 59 -19.59 -16.73 5.42
CA LEU B 59 -20.25 -17.37 4.28
C LEU B 59 -19.57 -17.03 2.96
N LEU B 60 -19.28 -15.75 2.75
CA LEU B 60 -18.61 -15.28 1.53
C LEU B 60 -17.19 -15.85 1.33
N GLU B 61 -16.57 -16.38 2.37
CA GLU B 61 -15.30 -17.12 2.21
C GLU B 61 -15.49 -18.47 1.47
N CYS B 62 -16.68 -19.07 1.56
CA CYS B 62 -16.99 -20.33 0.87
C CYS B 62 -16.89 -20.26 -0.66
N ASP B 63 -16.85 -21.42 -1.30
CA ASP B 63 -16.63 -21.52 -2.74
C ASP B 63 -17.92 -21.27 -3.49
N ASP B 64 -17.80 -20.68 -4.68
CA ASP B 64 -18.98 -20.29 -5.47
C ASP B 64 -19.95 -21.43 -5.77
N PRO B 65 -19.44 -22.62 -6.18
CA PRO B 65 -20.42 -23.66 -6.47
C PRO B 65 -21.16 -24.17 -5.22
N ASP B 66 -20.52 -24.12 -4.04
CA ASP B 66 -21.22 -24.45 -2.78
C ASP B 66 -22.33 -23.46 -2.46
N LEU B 67 -22.00 -22.18 -2.58
CA LEU B 67 -22.98 -21.12 -2.34
C LEU B 67 -24.21 -21.24 -3.24
N PHE B 68 -23.97 -21.51 -4.52
CA PHE B 68 -25.06 -21.74 -5.45
C PHE B 68 -25.94 -22.93 -5.07
N ASN B 69 -25.31 -24.06 -4.75
CA ASN B 69 -26.04 -25.28 -4.42
C ASN B 69 -26.88 -25.15 -3.16
N TRP B 70 -26.28 -24.59 -2.13
CA TRP B 70 -27.00 -24.37 -0.87
C TRP B 70 -28.18 -23.43 -1.06
N LEU B 71 -27.97 -22.35 -1.81
CA LEU B 71 -29.04 -21.44 -2.16
C LEU B 71 -30.14 -22.17 -2.96
N MET B 72 -29.76 -23.13 -3.82
CA MET B 72 -30.75 -23.98 -4.53
C MET B 72 -31.28 -25.21 -3.75
N ASN B 73 -31.08 -25.29 -2.43
CA ASN B 73 -31.45 -26.48 -1.64
C ASN B 73 -30.89 -27.78 -2.19
N HIS B 74 -29.65 -27.71 -2.68
CA HIS B 74 -28.91 -28.86 -3.17
C HIS B 74 -27.75 -29.04 -2.20
N GLY B 75 -28.05 -29.70 -1.09
CA GLY B 75 -27.13 -29.79 0.02
C GLY B 75 -27.15 -28.57 0.92
N LYS B 76 -26.29 -28.61 1.93
CA LYS B 76 -26.24 -27.58 2.93
C LYS B 76 -24.87 -27.57 3.62
N PRO B 77 -24.42 -26.41 4.12
CA PRO B 77 -23.16 -26.40 4.87
C PRO B 77 -23.27 -27.23 6.16
N ALA B 78 -22.13 -27.65 6.71
CA ALA B 78 -22.10 -28.46 7.92
C ALA B 78 -21.84 -27.57 9.14
N ASP B 79 -22.56 -26.47 9.18
CA ASP B 79 -22.31 -25.38 10.09
C ASP B 79 -23.65 -24.69 10.29
N ALA B 80 -24.17 -24.78 11.51
CA ALA B 80 -25.55 -24.36 11.81
C ALA B 80 -25.76 -22.87 11.56
N GLU B 81 -24.78 -22.08 11.95
CA GLU B 81 -24.79 -20.64 11.63
C GLU B 81 -24.89 -20.32 10.12
N LEU B 82 -24.08 -20.99 9.29
CA LEU B 82 -24.10 -20.72 7.84
C LEU B 82 -25.42 -21.15 7.19
N GLU B 83 -25.97 -22.27 7.67
CA GLU B 83 -27.29 -22.76 7.25
C GLU B 83 -28.35 -21.70 7.44
N MET B 84 -28.42 -21.13 8.64
CA MET B 84 -29.46 -20.15 8.94
C MET B 84 -29.23 -18.90 8.08
N MET B 85 -27.97 -18.56 7.83
CA MET B 85 -27.65 -17.46 6.90
C MET B 85 -28.08 -17.75 5.46
N VAL B 86 -27.91 -18.98 4.99
CA VAL B 86 -28.39 -19.38 3.65
C VAL B 86 -29.91 -19.23 3.62
N ARG B 87 -30.59 -19.84 4.61
CA ARG B 87 -32.05 -19.74 4.75
C ARG B 87 -32.49 -18.29 4.78
N LEU B 88 -31.74 -17.45 5.47
CA LEU B 88 -32.03 -16.01 5.52
C LEU B 88 -31.96 -15.36 4.15
N ILE B 89 -30.90 -15.62 3.41
CA ILE B 89 -30.74 -15.04 2.08
C ILE B 89 -31.89 -15.49 1.17
N GLN B 90 -32.16 -16.79 1.17
CA GLN B 90 -33.29 -17.37 0.42
C GLN B 90 -34.62 -16.70 0.74
N THR B 91 -34.94 -16.62 2.03
CA THR B 91 -36.19 -16.01 2.49
C THR B 91 -36.25 -14.55 2.03
N ARG B 92 -35.19 -13.79 2.28
CA ARG B 92 -35.17 -12.37 1.92
C ARG B 92 -35.24 -12.16 0.40
N ASN B 93 -34.53 -12.98 -0.35
CA ASN B 93 -34.56 -12.90 -1.82
C ASN B 93 -35.92 -13.22 -2.40
N ARG B 94 -36.63 -14.21 -1.84
CA ARG B 94 -38.03 -14.47 -2.24
C ARG B 94 -38.96 -13.28 -1.89
N GLU B 95 -38.69 -12.60 -0.78
CA GLU B 95 -39.45 -11.43 -0.37
C GLU B 95 -39.25 -10.23 -1.28
N ARG B 96 -38.04 -10.04 -1.81
CA ARG B 96 -37.79 -8.90 -2.68
C ARG B 96 -38.30 -9.09 -4.09
N GLY B 97 -38.36 -10.33 -4.56
CA GLY B 97 -38.81 -10.61 -5.92
C GLY B 97 -37.71 -10.28 -6.91
N PRO B 98 -38.04 -10.21 -8.23
CA PRO B 98 -37.01 -9.98 -9.26
C PRO B 98 -36.19 -8.70 -9.05
N VAL B 99 -34.91 -8.78 -9.36
CA VAL B 99 -33.96 -7.68 -9.17
C VAL B 99 -34.06 -6.68 -10.31
N ALA B 100 -34.19 -5.40 -9.98
CA ALA B 100 -34.24 -4.33 -11.00
C ALA B 100 -32.89 -4.12 -11.69
N MET C 1 47.53 7.04 37.76
CA MET C 1 46.94 7.80 36.63
C MET C 1 47.26 9.30 36.74
N LYS C 2 47.65 9.90 35.62
CA LYS C 2 47.89 11.34 35.50
C LYS C 2 46.59 12.14 35.53
N LEU C 3 45.65 11.69 34.70
CA LEU C 3 44.32 12.28 34.64
C LEU C 3 43.56 11.98 35.95
N PRO C 4 42.83 12.95 36.50
CA PRO C 4 42.06 12.62 37.70
C PRO C 4 41.05 11.46 37.49
N VAL C 5 40.94 10.63 38.53
CA VAL C 5 40.12 9.43 38.52
C VAL C 5 39.10 9.53 39.64
N ARG C 6 37.84 9.25 39.30
CA ARG C 6 36.75 9.11 40.27
C ARG C 6 36.15 7.71 40.12
N GLU C 7 35.99 7.00 41.23
CA GLU C 7 35.64 5.59 41.22
C GLU C 7 34.28 5.32 41.86
N PHE C 8 33.50 4.46 41.18
CA PHE C 8 32.17 4.03 41.60
C PHE C 8 31.92 2.60 41.12
N ASP C 9 31.00 1.90 41.78
CA ASP C 9 30.51 0.63 41.26
C ASP C 9 29.88 0.79 39.90
N ALA C 10 29.13 1.88 39.70
CA ALA C 10 28.50 2.16 38.41
C ALA C 10 28.55 3.65 38.01
N VAL C 11 28.67 3.87 36.70
CA VAL C 11 28.59 5.20 36.11
C VAL C 11 27.51 5.23 35.03
N VAL C 12 26.40 5.92 35.31
CA VAL C 12 25.30 6.05 34.36
C VAL C 12 25.45 7.37 33.60
N ILE C 13 25.52 7.27 32.28
CA ILE C 13 25.76 8.40 31.41
C ILE C 13 24.39 8.79 30.88
N GLY C 14 23.82 9.83 31.47
CA GLY C 14 22.56 10.37 31.02
C GLY C 14 21.50 10.24 32.10
N ALA C 15 20.73 11.32 32.26
CA ALA C 15 19.75 11.42 33.33
C ALA C 15 18.38 11.78 32.81
N GLY C 16 17.93 11.09 31.77
CA GLY C 16 16.54 11.07 31.36
C GLY C 16 15.82 10.13 32.29
N GLY C 17 14.63 9.70 31.92
CA GLY C 17 13.88 8.73 32.74
C GLY C 17 14.64 7.42 32.95
N ALA C 18 15.28 6.94 31.89
CA ALA C 18 15.94 5.64 31.85
C ALA C 18 17.19 5.57 32.71
N GLY C 19 18.09 6.53 32.51
CA GLY C 19 19.30 6.62 33.29
C GLY C 19 19.04 6.90 34.76
N MET C 20 18.15 7.84 35.05
CA MET C 20 17.81 8.11 36.46
C MET C 20 17.07 6.93 37.15
N ARG C 21 16.30 6.14 36.38
CA ARG C 21 15.67 4.94 36.96
C ARG C 21 16.69 3.82 37.26
N ALA C 22 17.65 3.63 36.36
CA ALA C 22 18.75 2.72 36.60
C ALA C 22 19.58 3.23 37.79
N ALA C 23 20.06 4.46 37.70
CA ALA C 23 20.79 5.11 38.79
C ALA C 23 20.16 4.91 40.17
N LEU C 24 18.88 5.22 40.30
CA LEU C 24 18.15 5.04 41.56
C LEU C 24 18.24 3.61 42.10
N GLN C 25 17.98 2.63 41.24
CA GLN C 25 17.94 1.22 41.60
C GLN C 25 19.32 0.67 42.00
N ILE C 26 20.35 1.05 41.25
CA ILE C 26 21.74 0.73 41.57
C ILE C 26 22.06 1.23 42.98
N SER C 27 21.84 2.52 43.21
CA SER C 27 22.04 3.15 44.53
C SER C 27 21.22 2.55 45.66
N GLN C 28 19.99 2.10 45.35
CA GLN C 28 19.17 1.40 46.35
C GLN C 28 19.67 0.00 46.72
N SER C 29 20.56 -0.57 45.91
CA SER C 29 21.16 -1.90 46.13
C SER C 29 22.44 -1.91 46.98
N GLY C 30 22.82 -0.76 47.56
CA GLY C 30 24.08 -0.62 48.31
C GLY C 30 25.28 -0.18 47.48
N GLN C 31 25.13 -0.17 46.16
CA GLN C 31 26.23 0.10 45.26
C GLN C 31 26.36 1.60 45.00
N THR C 32 27.60 2.05 44.82
CA THR C 32 27.88 3.46 44.60
C THR C 32 27.64 3.76 43.13
N CYS C 33 26.91 4.84 42.87
CA CYS C 33 26.53 5.19 41.51
C CYS C 33 26.87 6.64 41.24
N ALA C 34 27.54 6.88 40.12
CA ALA C 34 27.68 8.22 39.56
C ALA C 34 26.68 8.39 38.41
N LEU C 35 26.10 9.59 38.34
CA LEU C 35 25.11 9.95 37.35
C LEU C 35 25.59 11.20 36.63
N LEU C 36 25.93 11.05 35.36
CA LEU C 36 26.44 12.16 34.55
C LEU C 36 25.33 12.68 33.67
N SER C 37 25.25 14.00 33.49
CA SER C 37 24.28 14.61 32.58
C SER C 37 24.84 15.91 31.99
N LYS C 38 24.73 16.09 30.69
CA LYS C 38 25.27 17.31 30.05
C LYS C 38 24.40 18.54 30.26
N VAL C 39 23.13 18.30 30.61
CA VAL C 39 22.26 19.35 31.10
C VAL C 39 21.55 18.89 32.37
N PHE C 40 21.03 19.85 33.13
CA PHE C 40 20.32 19.54 34.37
C PHE C 40 19.20 18.53 34.04
N PRO C 41 19.09 17.43 34.82
CA PRO C 41 18.24 16.30 34.39
C PRO C 41 16.78 16.60 34.03
N THR C 42 16.21 17.66 34.57
CA THR C 42 14.83 18.06 34.24
C THR C 42 14.74 18.76 32.88
N ARG C 43 15.87 19.04 32.23
CA ARG C 43 15.94 19.48 30.83
C ARG C 43 16.31 18.34 29.85
N SER C 44 16.17 17.09 30.29
CA SER C 44 16.29 15.91 29.41
C SER C 44 15.13 15.90 28.43
N HIS C 45 15.30 15.25 27.28
CA HIS C 45 14.21 15.21 26.30
C HIS C 45 12.95 14.53 26.83
N THR C 46 13.12 13.67 27.84
CA THR C 46 12.01 13.02 28.54
C THR C 46 10.91 13.99 28.96
N VAL C 47 11.31 15.23 29.27
CA VAL C 47 10.41 16.27 29.72
C VAL C 47 9.33 16.62 28.67
N SER C 48 9.62 16.37 27.38
CA SER C 48 8.65 16.61 26.29
C SER C 48 7.49 15.62 26.31
N ALA C 49 7.64 14.49 27.00
CA ALA C 49 6.57 13.48 27.05
C ALA C 49 5.28 13.98 27.72
N GLN C 50 4.13 13.62 27.15
CA GLN C 50 2.81 14.09 27.60
C GLN C 50 1.78 12.99 27.92
N GLY C 51 2.19 11.72 27.84
CA GLY C 51 1.27 10.60 28.16
C GLY C 51 0.80 10.52 29.61
N HIS C 68 -2.10 -5.50 24.84
CA HIS C 68 -1.02 -4.51 24.71
C HIS C 68 0.26 -5.16 24.19
N MET C 69 0.56 -6.35 24.69
CA MET C 69 1.61 -7.18 24.10
C MET C 69 1.39 -7.43 22.61
N TYR C 70 0.17 -7.82 22.26
CA TYR C 70 -0.22 -8.03 20.87
C TYR C 70 -0.03 -6.76 20.04
N ASP C 71 -0.53 -5.64 20.55
CA ASP C 71 -0.42 -4.35 19.87
C ASP C 71 1.03 -3.92 19.67
N THR C 72 1.86 -4.17 20.67
CA THR C 72 3.27 -3.79 20.62
C THR C 72 4.01 -4.64 19.60
N VAL C 73 3.80 -5.96 19.66
CA VAL C 73 4.41 -6.92 18.70
C VAL C 73 3.93 -6.62 17.29
N LYS C 74 2.61 -6.53 17.12
CA LYS C 74 2.00 -6.16 15.85
C LYS C 74 2.58 -4.85 15.35
N GLY C 75 2.46 -3.81 16.18
CA GLY C 75 2.98 -2.48 15.86
C GLY C 75 4.44 -2.41 15.51
N SER C 76 5.25 -3.28 16.09
CA SER C 76 6.69 -3.36 15.77
C SER C 76 6.95 -3.93 14.38
N ASP C 77 5.91 -4.50 13.77
CA ASP C 77 5.94 -5.08 12.44
C ASP C 77 6.75 -6.38 12.47
N TYR C 78 6.63 -7.07 13.61
CA TYR C 78 7.24 -8.38 13.88
C TYR C 78 8.78 -8.43 13.86
N ILE C 79 9.44 -7.28 14.03
CA ILE C 79 10.86 -7.26 14.43
C ILE C 79 11.11 -6.80 15.87
N GLY C 80 10.03 -6.58 16.64
CA GLY C 80 10.14 -6.45 18.09
C GLY C 80 10.46 -7.82 18.66
N ASP C 81 11.40 -7.89 19.60
CA ASP C 81 11.76 -9.16 20.25
C ASP C 81 10.67 -9.56 21.25
N GLN C 82 10.00 -10.68 20.96
CA GLN C 82 8.76 -11.03 21.67
C GLN C 82 8.95 -11.38 23.14
N ASP C 83 10.15 -11.83 23.53
CA ASP C 83 10.46 -12.02 24.96
C ASP C 83 10.74 -10.69 25.65
N ALA C 84 11.36 -9.75 24.91
CA ALA C 84 11.58 -8.39 25.41
C ALA C 84 10.25 -7.66 25.65
N ILE C 85 9.31 -7.81 24.71
CA ILE C 85 7.98 -7.20 24.83
C ILE C 85 7.16 -7.85 25.95
N GLU C 86 7.24 -9.18 26.06
CA GLU C 86 6.56 -9.93 27.14
C GLU C 86 7.00 -9.44 28.53
N TYR C 87 8.30 -9.19 28.69
CA TYR C 87 8.85 -8.66 29.93
C TYR C 87 8.32 -7.24 30.22
N MET C 88 8.43 -6.33 29.24
CA MET C 88 7.94 -4.97 29.44
C MET C 88 6.48 -4.96 29.87
N CYS C 89 5.66 -5.77 29.20
CA CYS C 89 4.21 -5.78 29.45
C CYS C 89 3.83 -6.36 30.82
N LYS C 90 4.46 -7.47 31.22
CA LYS C 90 4.23 -8.08 32.54
C LYS C 90 4.73 -7.21 33.69
N THR C 91 5.97 -6.75 33.55
CA THR C 91 6.63 -5.95 34.58
C THR C 91 6.12 -4.51 34.65
N GLY C 92 5.54 -4.01 33.56
CA GLY C 92 5.14 -2.59 33.43
C GLY C 92 4.32 -1.98 34.55
N PRO C 93 3.16 -2.59 34.88
CA PRO C 93 2.31 -2.13 36.00
C PRO C 93 3.01 -2.14 37.35
N GLU C 94 3.69 -3.26 37.65
CA GLU C 94 4.49 -3.40 38.87
C GLU C 94 5.49 -2.23 39.03
N ALA C 95 6.18 -1.91 37.94
CA ALA C 95 7.15 -0.81 37.91
C ALA C 95 6.51 0.57 37.98
N ILE C 96 5.33 0.72 37.37
CA ILE C 96 4.60 2.00 37.40
C ILE C 96 4.05 2.30 38.78
N LEU C 97 3.51 1.26 39.43
CA LEU C 97 2.98 1.40 40.80
C LEU C 97 4.08 1.75 41.80
N GLU C 98 5.31 1.29 41.51
CA GLU C 98 6.47 1.66 42.31
C GLU C 98 6.81 3.15 42.23
N LEU C 99 6.66 3.75 41.06
CA LEU C 99 6.88 5.20 40.89
C LEU C 99 5.89 6.03 41.70
N GLU C 100 4.65 5.55 41.80
CA GLU C 100 3.62 6.20 42.60
C GLU C 100 3.99 6.18 44.09
N HIS C 101 4.51 5.05 44.59
CA HIS C 101 5.03 4.97 45.96
C HIS C 101 6.13 6.00 46.29
N MET C 102 6.86 6.44 45.27
CA MET C 102 7.93 7.43 45.42
C MET C 102 7.43 8.89 45.36
N GLY C 103 6.12 9.09 45.18
CA GLY C 103 5.53 10.42 45.12
C GLY C 103 5.28 10.95 43.72
N LEU C 104 5.15 10.07 42.72
CA LEU C 104 4.77 10.48 41.37
C LEU C 104 3.25 10.70 41.34
N PRO C 105 2.78 11.86 40.81
CA PRO C 105 1.33 12.18 40.70
C PRO C 105 0.43 11.12 40.04
N PHE C 106 -0.58 10.66 40.80
CA PHE C 106 -1.64 9.73 40.36
C PHE C 106 -1.29 8.79 39.20
N ALA C 138 1.24 22.23 27.20
CA ALA C 138 1.94 21.03 27.68
C ALA C 138 1.56 20.69 29.11
N ASP C 139 1.41 19.39 29.38
CA ASP C 139 1.24 18.88 30.73
C ASP C 139 2.62 18.48 31.24
N ARG C 140 2.68 18.07 32.50
CA ARG C 140 3.94 17.90 33.20
C ARG C 140 4.30 16.42 33.47
N THR C 141 3.81 15.50 32.62
CA THR C 141 4.07 14.06 32.84
C THR C 141 5.58 13.73 32.77
N GLY C 142 6.27 14.25 31.74
CA GLY C 142 7.72 14.11 31.61
C GLY C 142 8.50 14.80 32.72
N HIS C 143 8.10 16.02 33.05
CA HIS C 143 8.75 16.79 34.11
C HIS C 143 8.58 16.17 35.49
N ALA C 144 7.39 15.66 35.79
CA ALA C 144 7.11 15.04 37.10
C ALA C 144 7.89 13.73 37.24
N LEU C 145 7.95 12.93 36.17
CA LEU C 145 8.80 11.73 36.13
C LEU C 145 10.26 12.08 36.49
N LEU C 146 10.85 13.03 35.77
CA LEU C 146 12.23 13.44 36.01
C LEU C 146 12.43 14.03 37.41
N HIS C 147 11.54 14.95 37.78
CA HIS C 147 11.57 15.55 39.11
C HIS C 147 11.61 14.47 40.21
N THR C 148 10.61 13.59 40.20
CA THR C 148 10.49 12.49 41.17
C THR C 148 11.76 11.60 41.19
N LEU C 149 12.23 11.18 40.02
CA LEU C 149 13.45 10.36 39.91
C LEU C 149 14.73 11.07 40.37
N TYR C 150 14.82 12.36 40.07
CA TYR C 150 15.91 13.20 40.52
C TYR C 150 15.92 13.28 42.06
N GLN C 151 14.79 13.66 42.65
CA GLN C 151 14.64 13.69 44.13
C GLN C 151 14.95 12.34 44.80
N GLN C 152 14.47 11.24 44.21
CA GLN C 152 14.74 9.89 44.73
C GLN C 152 16.24 9.52 44.69
N ASN C 153 16.93 10.01 43.66
CA ASN C 153 18.39 9.82 43.52
C ASN C 153 19.19 10.60 44.58
N LEU C 154 18.87 11.89 44.78
CA LEU C 154 19.51 12.67 45.84
C LEU C 154 19.31 12.05 47.23
N LYS C 155 18.10 11.59 47.52
CA LYS C 155 17.81 10.88 48.79
C LYS C 155 18.55 9.56 48.94
N ASN C 156 18.78 8.85 47.84
CA ASN C 156 19.52 7.59 47.89
C ASN C 156 21.01 7.73 47.61
N HIS C 157 21.55 8.95 47.74
CA HIS C 157 23.00 9.20 47.69
C HIS C 157 23.68 8.84 46.37
N THR C 158 22.92 8.88 45.27
CA THR C 158 23.52 8.86 43.95
C THR C 158 24.29 10.16 43.78
N THR C 159 25.50 10.08 43.23
CA THR C 159 26.35 11.25 43.05
C THR C 159 26.11 11.85 41.66
N ILE C 160 25.48 13.00 41.62
CA ILE C 160 25.03 13.60 40.37
C ILE C 160 26.06 14.60 39.86
N PHE C 161 26.50 14.40 38.62
CA PHE C 161 27.48 15.27 37.96
C PHE C 161 26.80 16.00 36.81
N SER C 162 26.26 17.16 37.15
CA SER C 162 25.40 17.90 36.25
C SER C 162 26.18 18.89 35.43
N GLU C 163 25.84 18.99 34.15
CA GLU C 163 26.59 19.78 33.17
C GLU C 163 28.01 19.22 33.07
N TRP C 164 28.08 17.90 33.01
CA TRP C 164 29.28 17.16 32.64
C TRP C 164 28.99 16.44 31.33
N TYR C 165 29.98 16.44 30.43
CA TYR C 165 29.85 15.88 29.06
C TYR C 165 30.76 14.67 28.86
N ALA C 166 30.17 13.50 28.71
CA ALA C 166 30.93 12.26 28.44
C ALA C 166 31.54 12.30 27.06
N LEU C 167 32.80 11.86 27.01
CA LEU C 167 33.63 11.92 25.82
C LEU C 167 33.64 10.58 25.09
N ASP C 168 34.24 9.57 25.72
CA ASP C 168 34.39 8.25 25.11
C ASP C 168 34.50 7.19 26.16
N LEU C 169 34.17 5.96 25.77
CA LEU C 169 34.32 4.82 26.66
C LEU C 169 35.80 4.51 26.83
N VAL C 170 36.15 4.00 28.01
CA VAL C 170 37.50 3.50 28.26
C VAL C 170 37.45 1.97 28.23
N LYS C 171 38.16 1.38 27.28
CA LYS C 171 38.30 -0.07 27.20
C LYS C 171 39.63 -0.46 27.82
N ASN C 172 39.67 -1.61 28.49
CA ASN C 172 40.94 -2.19 28.91
C ASN C 172 41.49 -3.07 27.80
N GLN C 173 42.64 -3.68 28.05
CA GLN C 173 43.30 -4.57 27.09
C GLN C 173 42.53 -5.86 26.75
N ASP C 174 41.59 -6.26 27.60
CA ASP C 174 40.73 -7.41 27.32
C ASP C 174 39.49 -7.06 26.48
N GLY C 175 39.30 -5.78 26.17
CA GLY C 175 38.14 -5.34 25.41
C GLY C 175 36.89 -5.17 26.25
N ALA C 176 37.06 -5.03 27.57
CA ALA C 176 35.97 -4.76 28.48
C ALA C 176 35.87 -3.26 28.70
N VAL C 177 34.64 -2.74 28.86
CA VAL C 177 34.46 -1.33 29.20
C VAL C 177 34.56 -1.14 30.72
N VAL C 178 35.40 -0.20 31.12
CA VAL C 178 35.75 0.02 32.52
C VAL C 178 35.50 1.50 32.93
N GLY C 179 34.61 2.15 32.19
CA GLY C 179 34.23 3.52 32.46
C GLY C 179 34.25 4.40 31.24
N CYS C 180 34.37 5.69 31.49
CA CYS C 180 34.45 6.69 30.44
C CYS C 180 35.28 7.87 30.88
N THR C 181 35.72 8.65 29.90
CA THR C 181 36.21 10.00 30.20
C THR C 181 35.06 10.94 30.01
N ALA C 182 35.08 12.03 30.77
CA ALA C 182 34.06 13.06 30.72
C ALA C 182 34.66 14.39 31.12
N LEU C 183 34.01 15.44 30.66
CA LEU C 183 34.50 16.83 30.72
C LEU C 183 33.53 17.64 31.56
N CYS C 184 34.03 18.41 32.52
CA CYS C 184 33.22 19.35 33.28
C CYS C 184 33.02 20.61 32.44
N ILE C 185 31.77 20.94 32.14
CA ILE C 185 31.49 22.03 31.22
C ILE C 185 31.93 23.38 31.85
N GLU C 186 31.62 23.56 33.14
CA GLU C 186 32.00 24.76 33.90
C GLU C 186 33.50 25.06 33.87
N THR C 187 34.33 24.06 34.19
CA THR C 187 35.78 24.27 34.36
C THR C 187 36.67 23.74 33.22
N GLY C 188 36.10 22.90 32.36
CA GLY C 188 36.88 22.19 31.36
C GLY C 188 37.79 21.08 31.89
N GLU C 189 37.63 20.68 33.16
CA GLU C 189 38.39 19.55 33.72
C GLU C 189 37.87 18.25 33.08
N VAL C 190 38.79 17.35 32.74
CA VAL C 190 38.46 16.03 32.22
C VAL C 190 38.78 14.97 33.29
N VAL C 191 37.87 14.01 33.49
CA VAL C 191 38.00 12.99 34.53
C VAL C 191 37.78 11.61 33.92
N TYR C 192 38.54 10.62 34.38
CA TYR C 192 38.25 9.23 34.09
C TYR C 192 37.28 8.72 35.14
N PHE C 193 36.03 8.49 34.74
CA PHE C 193 35.04 7.89 35.64
C PHE C 193 35.21 6.39 35.58
N LYS C 194 35.88 5.83 36.58
CA LYS C 194 36.27 4.43 36.59
C LYS C 194 35.16 3.61 37.21
N ALA C 195 34.71 2.59 36.50
CA ALA C 195 33.58 1.80 36.95
C ALA C 195 33.59 0.37 36.45
N ARG C 196 32.93 -0.49 37.21
CA ARG C 196 32.73 -1.88 36.84
C ARG C 196 31.60 -2.02 35.81
N ALA C 197 30.61 -1.13 35.89
CA ALA C 197 29.47 -1.10 34.94
C ALA C 197 29.25 0.34 34.45
N THR C 198 29.28 0.49 33.14
CA THR C 198 29.04 1.78 32.49
C THR C 198 27.71 1.69 31.74
N VAL C 199 26.74 2.53 32.09
CA VAL C 199 25.39 2.46 31.55
C VAL C 199 25.14 3.65 30.62
N LEU C 200 25.00 3.38 29.32
CA LEU C 200 24.63 4.42 28.35
C LEU C 200 23.14 4.69 28.43
N ALA C 201 22.78 5.95 28.65
CA ALA C 201 21.38 6.37 28.78
C ALA C 201 21.19 7.76 28.17
N THR C 202 21.81 7.95 27.01
CA THR C 202 21.95 9.30 26.44
C THR C 202 20.84 9.74 25.52
N GLY C 203 19.88 8.88 25.22
CA GLY C 203 18.72 9.24 24.43
C GLY C 203 18.97 9.11 22.93
N GLY C 204 18.22 9.88 22.16
CA GLY C 204 18.19 9.78 20.71
C GLY C 204 19.11 10.74 19.97
N ALA C 205 18.81 10.93 18.68
CA ALA C 205 19.74 11.61 17.76
C ALA C 205 19.09 12.10 16.47
N GLY C 206 17.92 12.73 16.61
CA GLY C 206 17.15 13.25 15.49
C GLY C 206 17.85 14.36 14.70
N ARG C 207 18.81 15.03 15.34
CA ARG C 207 19.56 16.09 14.65
C ARG C 207 20.56 15.58 13.62
N ILE C 208 20.63 14.27 13.42
CA ILE C 208 21.32 13.75 12.23
C ILE C 208 20.59 14.19 10.96
N TYR C 209 19.30 14.52 11.09
CA TYR C 209 18.47 15.04 9.99
C TYR C 209 18.32 16.57 10.05
N GLN C 210 17.82 17.16 8.97
CA GLN C 210 17.49 18.61 8.97
C GLN C 210 16.33 18.97 9.88
N SER C 211 15.36 18.07 10.03
CA SER C 211 14.16 18.41 10.78
C SER C 211 13.89 17.31 11.76
N THR C 212 13.77 17.70 13.04
CA THR C 212 13.50 16.79 14.12
C THR C 212 12.60 17.44 15.18
N THR C 213 11.84 16.61 15.87
CA THR C 213 11.06 17.03 17.06
C THR C 213 11.96 17.06 18.27
N ASN C 214 13.19 16.56 18.14
CA ASN C 214 14.10 16.40 19.28
C ASN C 214 14.81 17.70 19.65
N ALA C 215 15.18 17.80 20.92
CA ALA C 215 15.91 18.96 21.46
C ALA C 215 17.34 19.03 20.95
N HIS C 216 17.94 20.22 21.03
CA HIS C 216 19.35 20.44 20.63
C HIS C 216 20.30 19.38 21.20
N ILE C 217 20.02 18.93 22.42
CA ILE C 217 20.84 17.93 23.14
C ILE C 217 20.89 16.53 22.55
N ASN C 218 19.91 16.17 21.71
CA ASN C 218 19.85 14.84 21.11
C ASN C 218 20.79 14.70 19.94
N THR C 219 22.06 14.43 20.24
CA THR C 219 23.12 14.35 19.25
C THR C 219 23.74 12.94 19.10
N GLY C 220 23.11 11.94 19.72
CA GLY C 220 23.54 10.55 19.56
C GLY C 220 24.87 10.20 20.20
N ASP C 221 25.20 10.84 21.30
CA ASP C 221 26.56 10.73 21.85
C ASP C 221 26.90 9.32 22.27
N GLY C 222 25.92 8.62 22.87
CA GLY C 222 26.09 7.22 23.25
C GLY C 222 26.31 6.27 22.09
N VAL C 223 25.69 6.59 20.94
CA VAL C 223 25.85 5.81 19.72
C VAL C 223 27.27 5.95 19.19
N GLY C 224 27.74 7.18 19.07
CA GLY C 224 29.09 7.44 18.59
C GLY C 224 30.15 6.83 19.51
N MET C 225 29.87 6.88 20.81
CA MET C 225 30.74 6.30 21.83
C MET C 225 30.78 4.80 21.73
N ALA C 226 29.64 4.18 21.48
CA ALA C 226 29.60 2.73 21.27
C ALA C 226 30.35 2.34 19.99
N ILE C 227 30.12 3.09 18.90
CA ILE C 227 30.71 2.78 17.59
C ILE C 227 32.22 2.93 17.62
N ARG C 228 32.72 4.05 18.16
CA ARG C 228 34.16 4.27 18.31
C ARG C 228 34.85 3.28 19.23
N ALA C 229 34.10 2.70 20.18
CA ALA C 229 34.60 1.59 21.02
C ALA C 229 34.46 0.21 20.37
N GLY C 230 33.90 0.13 19.18
CA GLY C 230 33.77 -1.14 18.46
C GLY C 230 32.53 -1.95 18.78
N VAL C 231 31.64 -1.39 19.59
CA VAL C 231 30.36 -2.02 19.93
C VAL C 231 29.37 -1.74 18.80
N PRO C 232 28.71 -2.80 18.27
CA PRO C 232 27.77 -2.59 17.16
C PRO C 232 26.44 -1.93 17.55
N VAL C 233 25.77 -1.37 16.55
CA VAL C 233 24.45 -0.79 16.70
C VAL C 233 23.48 -1.54 15.80
N GLN C 234 22.23 -1.65 16.25
CA GLN C 234 21.21 -2.47 15.59
C GLN C 234 20.01 -1.64 15.12
N ASP C 235 19.44 -2.00 13.98
CA ASP C 235 18.21 -1.39 13.45
C ASP C 235 18.26 0.15 13.32
N MET C 236 19.43 0.67 12.95
CA MET C 236 19.65 2.12 12.88
C MET C 236 18.87 2.79 11.77
N GLU C 237 18.49 2.01 10.76
CA GLU C 237 17.52 2.41 9.74
C GLU C 237 16.11 2.67 10.29
N MET C 238 15.76 2.07 11.43
CA MET C 238 14.44 2.25 12.03
C MET C 238 14.31 3.57 12.79
N TRP C 239 14.01 4.64 12.05
CA TRP C 239 13.75 5.95 12.61
C TRP C 239 12.29 6.29 12.37
N GLN C 240 11.54 6.59 13.43
CA GLN C 240 10.15 7.02 13.29
C GLN C 240 10.10 8.48 12.88
N PHE C 241 9.37 8.76 11.81
CA PHE C 241 9.17 10.09 11.27
C PHE C 241 7.69 10.48 11.33
N HIS C 242 7.43 11.79 11.44
CA HIS C 242 6.12 12.33 11.16
C HIS C 242 6.21 12.99 9.78
N PRO C 243 5.15 12.82 8.95
CA PRO C 243 5.22 13.36 7.60
C PRO C 243 5.22 14.90 7.50
N THR C 244 4.61 15.59 8.47
CA THR C 244 4.54 17.06 8.50
C THR C 244 4.96 17.71 9.84
N GLY C 245 6.20 18.18 9.89
CA GLY C 245 6.61 19.11 10.93
C GLY C 245 6.74 20.50 10.36
N ILE C 246 6.72 21.52 11.21
CA ILE C 246 6.93 22.90 10.77
C ILE C 246 8.37 23.05 10.25
N ALA C 247 8.52 23.63 9.07
CA ALA C 247 9.82 23.75 8.42
C ALA C 247 10.62 24.82 9.13
N GLY C 248 11.81 24.46 9.60
CA GLY C 248 12.69 25.31 10.38
C GLY C 248 12.45 25.27 11.88
N ALA C 249 11.37 24.60 12.29
CA ALA C 249 11.08 24.34 13.68
C ALA C 249 11.19 22.86 13.97
N GLY C 250 10.57 22.01 13.15
CA GLY C 250 10.52 20.56 13.40
C GLY C 250 9.39 20.19 14.37
N VAL C 251 8.55 21.15 14.70
CA VAL C 251 7.39 20.90 15.54
C VAL C 251 6.28 20.20 14.74
N LEU C 252 5.68 19.21 15.38
CA LEU C 252 4.73 18.31 14.77
C LEU C 252 3.42 19.01 14.40
N VAL C 253 2.92 18.74 13.20
CA VAL C 253 1.61 19.21 12.79
C VAL C 253 0.75 17.97 12.56
N THR C 254 -0.28 17.82 13.37
CA THR C 254 -1.13 16.63 13.34
C THR C 254 -1.62 16.21 11.96
N GLU C 255 -1.71 14.89 11.80
CA GLU C 255 -2.41 14.23 10.69
C GLU C 255 -3.87 14.71 10.53
N GLY C 256 -4.50 15.10 11.64
CA GLY C 256 -5.83 15.69 11.63
C GLY C 256 -6.03 16.83 10.64
N CYS C 257 -4.99 17.64 10.44
CA CYS C 257 -5.02 18.72 9.46
C CYS C 257 -5.42 18.20 8.07
N ARG C 258 -4.84 17.08 7.65
CA ARG C 258 -5.20 16.44 6.38
C ARG C 258 -6.51 15.66 6.46
N GLY C 259 -6.81 15.03 7.59
CA GLY C 259 -8.09 14.35 7.81
C GLY C 259 -9.32 15.24 7.63
N GLU C 260 -9.12 16.54 7.84
CA GLU C 260 -10.16 17.57 7.73
C GLU C 260 -10.17 18.30 6.39
N GLY C 261 -9.43 17.80 5.41
CA GLY C 261 -9.42 18.40 4.08
C GLY C 261 -8.22 19.27 3.77
N GLY C 262 -7.27 19.38 4.70
CA GLY C 262 -6.04 20.15 4.44
C GLY C 262 -5.23 19.47 3.37
N TYR C 263 -4.56 20.23 2.51
CA TYR C 263 -3.76 19.62 1.44
C TYR C 263 -2.45 20.35 1.10
N LEU C 264 -1.55 19.61 0.46
CA LEU C 264 -0.17 20.01 0.25
C LEU C 264 0.08 20.62 -1.12
N LEU C 265 0.90 21.65 -1.15
CA LEU C 265 1.26 22.31 -2.41
C LEU C 265 2.78 22.45 -2.57
N ASN C 266 3.21 22.46 -3.83
CA ASN C 266 4.59 22.73 -4.19
C ASN C 266 4.75 24.18 -4.68
N LYS C 267 5.95 24.51 -5.12
CA LYS C 267 6.32 25.83 -5.65
C LYS C 267 5.40 26.34 -6.75
N HIS C 268 4.99 25.44 -7.64
CA HIS C 268 4.08 25.79 -8.74
C HIS C 268 2.60 25.80 -8.31
N GLY C 269 2.33 25.66 -7.01
CA GLY C 269 0.95 25.65 -6.50
C GLY C 269 0.15 24.44 -6.92
N GLU C 270 0.83 23.31 -7.17
CA GLU C 270 0.17 22.08 -7.59
C GLU C 270 -0.05 21.21 -6.38
N ARG C 271 -1.26 20.71 -6.24
CA ARG C 271 -1.59 19.68 -5.28
C ARG C 271 -0.91 18.38 -5.74
N PHE C 272 0.32 18.16 -5.32
CA PHE C 272 1.19 17.15 -5.92
C PHE C 272 0.91 15.71 -5.48
N MET C 273 0.21 15.52 -4.34
CA MET C 273 -0.11 14.15 -3.89
C MET C 273 -0.94 13.32 -4.89
N GLU C 274 -1.72 14.00 -5.74
CA GLU C 274 -2.44 13.36 -6.84
C GLU C 274 -1.50 12.60 -7.75
N ARG C 275 -0.32 13.18 -7.98
CA ARG C 275 0.72 12.50 -8.75
C ARG C 275 1.28 11.24 -8.09
N TYR C 276 1.45 11.25 -6.78
CA TYR C 276 2.06 10.16 -6.05
C TYR C 276 1.06 9.14 -5.53
N ALA C 277 -0.18 9.56 -5.32
CA ALA C 277 -1.19 8.71 -4.70
C ALA C 277 -2.51 9.19 -5.30
N PRO C 278 -2.82 8.74 -6.52
CA PRO C 278 -3.97 9.27 -7.26
C PRO C 278 -5.34 9.19 -6.56
N ASN C 279 -5.54 8.18 -5.73
CA ASN C 279 -6.82 7.99 -5.03
C ASN C 279 -6.80 8.57 -3.61
N ALA C 280 -5.80 8.21 -2.81
CA ALA C 280 -5.69 8.70 -1.42
C ALA C 280 -5.21 10.14 -1.31
N LYS C 281 -4.35 10.57 -2.23
CA LYS C 281 -3.76 11.91 -2.23
C LYS C 281 -3.12 12.24 -0.86
N ASP C 282 -3.61 13.30 -0.20
CA ASP C 282 -3.00 13.79 1.05
C ASP C 282 -3.43 12.97 2.25
N LEU C 283 -4.37 12.03 2.03
CA LEU C 283 -4.76 11.04 3.03
C LEU C 283 -4.07 9.67 2.84
N ALA C 284 -3.08 9.61 1.96
CA ALA C 284 -2.30 8.40 1.77
C ALA C 284 -1.55 8.06 3.06
N GLY C 285 -1.03 6.84 3.16
CA GLY C 285 -0.24 6.42 4.31
C GLY C 285 0.86 7.43 4.61
N ARG C 286 1.22 7.54 5.87
CA ARG C 286 2.25 8.50 6.27
C ARG C 286 3.60 8.36 5.52
N ASP C 287 3.96 7.13 5.16
CA ASP C 287 5.15 6.85 4.35
C ASP C 287 5.12 7.47 2.94
N VAL C 288 3.94 7.47 2.31
CA VAL C 288 3.77 8.04 0.97
C VAL C 288 3.82 9.57 1.03
N VAL C 289 3.08 10.17 1.96
CA VAL C 289 3.01 11.62 2.11
C VAL C 289 4.41 12.17 2.35
N ALA C 290 5.10 11.57 3.32
CA ALA C 290 6.44 12.00 3.70
C ALA C 290 7.44 11.86 2.55
N ARG C 291 7.46 10.70 1.92
CA ARG C 291 8.34 10.44 0.78
C ARG C 291 8.12 11.45 -0.34
N SER C 292 6.86 11.60 -0.73
CA SER C 292 6.46 12.51 -1.79
C SER C 292 6.89 13.96 -1.52
N ILE C 293 6.72 14.44 -0.30
CA ILE C 293 7.19 15.77 0.08
C ILE C 293 8.69 15.89 -0.21
N MET C 294 9.46 14.87 0.17
CA MET C 294 10.91 14.93 0.01
C MET C 294 11.34 14.85 -1.45
N ILE C 295 10.62 14.05 -2.24
CA ILE C 295 10.89 13.93 -3.68
C ILE C 295 10.70 15.28 -4.36
N GLU C 296 9.60 15.92 -4.02
CA GLU C 296 9.32 17.23 -4.56
C GLU C 296 10.48 18.22 -4.26
N ILE C 297 10.98 18.15 -3.03
CA ILE C 297 12.08 19.00 -2.62
C ILE C 297 13.39 18.64 -3.33
N ARG C 298 13.76 17.36 -3.30
CA ARG C 298 15.02 16.95 -3.88
C ARG C 298 15.04 17.21 -5.41
N GLU C 299 13.87 17.13 -6.05
CA GLU C 299 13.74 17.45 -7.49
C GLU C 299 13.39 18.93 -7.81
N GLY C 300 13.48 19.81 -6.81
CA GLY C 300 13.48 21.25 -7.06
C GLY C 300 12.13 21.89 -7.30
N ARG C 301 11.06 21.21 -6.91
CA ARG C 301 9.71 21.78 -6.92
C ARG C 301 9.28 22.16 -5.51
N GLY C 302 10.14 21.95 -4.52
CA GLY C 302 9.86 22.37 -3.15
C GLY C 302 9.87 23.88 -3.02
N CYS C 303 9.14 24.37 -2.02
CA CYS C 303 9.14 25.80 -1.70
C CYS C 303 10.38 26.06 -0.87
N ASP C 304 10.71 27.33 -0.74
CA ASP C 304 11.87 27.74 0.03
C ASP C 304 11.66 29.17 0.53
N GLY C 305 12.17 29.46 1.71
CA GLY C 305 11.99 30.77 2.34
C GLY C 305 12.95 30.93 3.51
N PRO C 306 12.53 31.70 4.54
CA PRO C 306 13.28 31.67 5.81
C PRO C 306 13.06 30.36 6.60
N TRP C 307 12.05 29.58 6.22
CA TRP C 307 11.80 28.28 6.81
C TRP C 307 12.77 27.21 6.27
N GLY C 308 13.46 27.50 5.16
CA GLY C 308 14.21 26.49 4.41
C GLY C 308 13.27 25.73 3.49
N PRO C 309 13.74 24.63 2.87
CA PRO C 309 12.90 23.87 1.91
C PRO C 309 11.65 23.24 2.53
N HIS C 310 10.52 23.32 1.84
CA HIS C 310 9.27 22.76 2.37
C HIS C 310 8.21 22.55 1.32
N ALA C 311 7.18 21.81 1.72
CA ALA C 311 5.86 21.85 1.08
C ALA C 311 4.93 22.73 1.92
N LYS C 312 3.89 23.27 1.29
CA LYS C 312 2.94 24.13 1.93
C LYS C 312 1.67 23.35 2.23
N LEU C 313 1.29 23.31 3.51
CA LEU C 313 0.05 22.68 3.93
C LEU C 313 -1.00 23.76 3.99
N LYS C 314 -1.85 23.77 2.96
CA LYS C 314 -2.93 24.72 2.83
C LYS C 314 -4.09 24.25 3.70
N LEU C 315 -4.42 25.07 4.70
CA LEU C 315 -5.53 24.82 5.62
C LEU C 315 -6.56 25.95 5.65
N ASP C 316 -6.37 27.04 4.88
CA ASP C 316 -7.23 28.25 5.01
C ASP C 316 -8.66 28.03 4.53
N HIS C 317 -8.82 27.21 3.48
CA HIS C 317 -10.12 26.79 2.98
C HIS C 317 -11.01 26.03 3.97
N LEU C 318 -10.41 25.42 5.00
CA LEU C 318 -11.18 24.79 6.08
C LEU C 318 -11.99 25.82 6.87
N GLY C 319 -11.47 27.04 6.98
CA GLY C 319 -12.15 28.12 7.68
C GLY C 319 -11.79 28.26 9.16
N LYS C 320 -11.92 29.50 9.65
CA LYS C 320 -11.59 29.88 11.03
C LYS C 320 -12.26 29.00 12.09
N GLU C 321 -13.57 28.78 11.93
CA GLU C 321 -14.37 28.04 12.91
C GLU C 321 -13.98 26.57 13.01
N VAL C 322 -13.74 25.92 11.88
CA VAL C 322 -13.31 24.52 11.86
C VAL C 322 -11.92 24.40 12.49
N LEU C 323 -11.04 25.34 12.16
CA LEU C 323 -9.67 25.31 12.66
C LEU C 323 -9.61 25.52 14.17
N GLU C 324 -10.28 26.57 14.66
CA GLU C 324 -10.37 26.83 16.10
C GLU C 324 -11.08 25.73 16.91
N SER C 325 -12.04 25.04 16.30
CA SER C 325 -12.84 24.03 16.99
C SER C 325 -12.19 22.64 16.98
N ARG C 326 -11.72 22.23 15.81
CA ARG C 326 -11.23 20.86 15.64
C ARG C 326 -9.71 20.73 15.66
N LEU C 327 -8.98 21.84 15.50
CA LEU C 327 -7.50 21.83 15.41
C LEU C 327 -6.90 23.04 16.17
N PRO C 328 -7.29 23.22 17.44
CA PRO C 328 -6.99 24.50 18.12
C PRO C 328 -5.50 24.81 18.38
N GLY C 329 -4.72 23.80 18.75
CA GLY C 329 -3.28 24.01 19.01
C GLY C 329 -2.52 24.52 17.78
N ILE C 330 -3.00 24.12 16.59
CA ILE C 330 -2.30 24.31 15.31
C ILE C 330 -2.25 25.78 14.86
N LEU C 331 -3.28 26.55 15.17
CA LEU C 331 -3.25 27.99 14.90
C LEU C 331 -2.14 28.68 15.70
N GLU C 332 -2.13 28.47 17.00
CA GLU C 332 -1.12 29.08 17.86
C GLU C 332 0.29 28.59 17.52
N LEU C 333 0.44 27.29 17.27
CA LEU C 333 1.73 26.70 16.94
C LEU C 333 2.32 27.27 15.65
N SER C 334 1.47 27.47 14.63
CA SER C 334 1.94 28.01 13.35
C SER C 334 2.29 29.50 13.42
N ARG C 335 1.52 30.26 14.17
CA ARG C 335 1.82 31.67 14.39
C ARG C 335 3.14 31.84 15.13
N THR C 336 3.30 31.12 16.24
CA THR C 336 4.49 31.31 17.08
C THR C 336 5.76 30.75 16.39
N PHE C 337 5.68 29.54 15.82
CA PHE C 337 6.88 28.84 15.29
C PHE C 337 7.07 28.84 13.77
N ALA C 338 6.02 29.10 13.00
CA ALA C 338 6.18 29.24 11.54
C ALA C 338 6.03 30.70 11.05
N HIS C 339 5.68 31.62 11.96
CA HIS C 339 5.40 33.02 11.60
C HIS C 339 4.40 33.14 10.46
N VAL C 340 3.34 32.33 10.57
CA VAL C 340 2.33 32.15 9.54
C VAL C 340 0.98 31.96 10.23
N ASP C 341 -0.04 32.60 9.67
CA ASP C 341 -1.41 32.46 10.15
C ASP C 341 -2.14 31.48 9.21
N PRO C 342 -2.48 30.26 9.71
CA PRO C 342 -3.09 29.27 8.82
C PRO C 342 -4.43 29.69 8.20
N VAL C 343 -5.11 30.67 8.82
CA VAL C 343 -6.30 31.31 8.22
C VAL C 343 -5.96 32.02 6.90
N LYS C 344 -4.72 32.51 6.76
CA LYS C 344 -4.29 33.32 5.60
C LYS C 344 -3.24 32.69 4.69
N GLU C 345 -2.28 31.95 5.24
CA GLU C 345 -1.25 31.28 4.44
C GLU C 345 -1.17 29.80 4.79
N PRO C 346 -0.62 28.98 3.89
CA PRO C 346 -0.30 27.58 4.22
C PRO C 346 0.83 27.41 5.23
N ILE C 347 0.81 26.33 5.99
CA ILE C 347 1.89 26.03 6.94
C ILE C 347 3.08 25.44 6.16
N PRO C 348 4.30 26.01 6.31
CA PRO C 348 5.49 25.38 5.71
C PRO C 348 5.85 24.12 6.46
N VAL C 349 5.79 22.97 5.78
CA VAL C 349 6.07 21.68 6.43
C VAL C 349 7.09 20.82 5.71
N ILE C 350 7.75 19.97 6.48
CA ILE C 350 8.69 18.98 5.97
C ILE C 350 8.67 17.75 6.90
N PRO C 351 8.88 16.53 6.35
CA PRO C 351 8.99 15.34 7.19
C PRO C 351 10.00 15.52 8.30
N THR C 352 9.65 15.08 9.51
CA THR C 352 10.42 15.42 10.70
C THR C 352 10.68 14.19 11.55
N CYS C 353 11.95 14.05 11.95
CA CYS C 353 12.46 12.88 12.68
C CYS C 353 12.10 12.95 14.14
N HIS C 354 11.63 11.85 14.72
CA HIS C 354 11.02 11.84 16.07
C HIS C 354 11.66 10.87 17.07
N TYR C 355 11.93 9.61 16.65
CA TYR C 355 12.37 8.55 17.54
C TYR C 355 13.30 7.54 16.88
N MET C 356 14.32 7.15 17.64
CA MET C 356 15.33 6.19 17.24
C MET C 356 14.99 4.81 17.81
N MET C 357 14.36 3.96 17.02
CA MET C 357 14.07 2.58 17.45
C MET C 357 15.36 1.77 17.53
N GLY C 358 16.34 2.15 16.71
CA GLY C 358 17.62 1.50 16.72
C GLY C 358 18.49 1.94 17.86
N GLY C 359 19.70 1.39 17.90
CA GLY C 359 20.66 1.69 18.97
C GLY C 359 21.45 0.47 19.40
N ILE C 360 21.96 0.52 20.62
CA ILE C 360 22.88 -0.49 21.09
C ILE C 360 22.09 -1.73 21.47
N PRO C 361 22.36 -2.88 20.81
CA PRO C 361 21.56 -4.06 21.07
C PRO C 361 21.83 -4.55 22.48
N THR C 362 20.76 -4.77 23.25
CA THR C 362 20.88 -5.20 24.62
C THR C 362 20.00 -6.37 24.90
N LYS C 363 20.32 -7.06 26.00
CA LYS C 363 19.40 -8.03 26.60
C LYS C 363 18.43 -7.31 27.54
N VAL C 364 17.46 -8.06 28.05
CA VAL C 364 16.48 -7.59 29.04
C VAL C 364 17.13 -7.06 30.32
N THR C 365 18.25 -7.65 30.70
CA THR C 365 19.07 -7.15 31.80
C THR C 365 19.74 -5.81 31.55
N GLY C 366 19.77 -5.32 30.32
CA GLY C 366 20.45 -4.08 29.97
C GLY C 366 21.88 -4.27 29.51
N GLN C 367 22.37 -5.51 29.49
CA GLN C 367 23.74 -5.78 29.10
C GLN C 367 23.89 -5.54 27.60
N ALA C 368 24.93 -4.79 27.22
CA ALA C 368 25.18 -4.53 25.80
C ALA C 368 25.77 -5.74 25.11
N LEU C 369 25.32 -5.97 23.87
CA LEU C 369 25.72 -7.14 23.09
C LEU C 369 26.59 -6.79 21.89
N THR C 370 27.47 -7.72 21.55
CA THR C 370 28.15 -7.75 20.25
C THR C 370 28.01 -9.17 19.71
N VAL C 371 28.68 -9.45 18.60
CA VAL C 371 28.68 -10.78 17.99
C VAL C 371 30.12 -11.31 17.87
N ASN C 372 30.24 -12.63 17.84
CA ASN C 372 31.53 -13.29 17.65
C ASN C 372 31.82 -13.46 16.14
N GLU C 373 32.93 -14.11 15.81
CA GLU C 373 33.27 -14.39 14.41
C GLU C 373 32.23 -15.29 13.66
N LYS C 374 31.42 -16.06 14.39
CA LYS C 374 30.28 -16.79 13.82
C LYS C 374 28.94 -16.03 13.91
N GLY C 375 28.96 -14.71 14.17
CA GLY C 375 27.75 -13.91 14.22
C GLY C 375 26.78 -14.19 15.37
N GLU C 376 27.26 -14.85 16.41
CA GLU C 376 26.43 -15.24 17.54
C GLU C 376 26.67 -14.29 18.72
N ASP C 377 25.66 -14.15 19.57
CA ASP C 377 25.64 -13.12 20.64
C ASP C 377 26.71 -13.31 21.71
N VAL C 378 27.39 -12.22 22.06
CA VAL C 378 28.34 -12.20 23.18
C VAL C 378 28.10 -10.88 23.94
N VAL C 379 27.99 -10.96 25.27
CA VAL C 379 27.88 -9.78 26.11
C VAL C 379 29.16 -8.99 25.98
N VAL C 380 29.07 -7.66 25.95
CA VAL C 380 30.23 -6.79 26.02
C VAL C 380 30.49 -6.52 27.49
N PRO C 381 31.58 -7.08 28.07
CA PRO C 381 31.80 -6.92 29.51
C PRO C 381 31.83 -5.46 29.97
N GLY C 382 31.01 -5.14 30.97
CA GLY C 382 30.99 -3.84 31.61
C GLY C 382 30.17 -2.74 30.95
N LEU C 383 29.54 -3.03 29.82
CA LEU C 383 28.71 -2.06 29.12
C LEU C 383 27.24 -2.41 29.25
N PHE C 384 26.42 -1.40 29.44
CA PHE C 384 24.98 -1.55 29.52
C PHE C 384 24.33 -0.38 28.79
N ALA C 385 23.12 -0.57 28.30
CA ALA C 385 22.35 0.49 27.68
C ALA C 385 20.88 0.36 28.09
N VAL C 386 20.27 1.51 28.37
CA VAL C 386 18.85 1.61 28.71
C VAL C 386 18.22 2.87 28.08
N GLY C 387 16.97 2.74 27.63
CA GLY C 387 16.20 3.86 27.13
C GLY C 387 16.24 3.93 25.63
N GLU C 388 16.13 5.14 25.07
CA GLU C 388 16.07 5.32 23.61
C GLU C 388 17.37 4.95 22.89
N ILE C 389 18.49 5.06 23.60
CA ILE C 389 19.81 4.60 23.13
C ILE C 389 19.88 3.09 22.87
N ALA C 390 19.07 2.31 23.58
CA ALA C 390 19.13 0.86 23.50
C ALA C 390 18.24 0.35 22.38
N CYS C 391 18.62 -0.81 21.86
CA CYS C 391 17.76 -1.56 20.96
C CYS C 391 17.56 -2.92 21.62
N VAL C 392 16.59 -2.98 22.51
CA VAL C 392 16.22 -4.23 23.17
C VAL C 392 15.39 -5.03 22.17
N SER C 393 15.04 -4.30 21.10
CA SER C 393 13.71 -4.04 20.55
C SER C 393 12.41 -4.53 21.22
N VAL C 394 11.88 -3.63 22.05
CA VAL C 394 10.47 -3.66 22.36
C VAL C 394 9.70 -2.93 21.25
N HIS C 395 10.38 -2.05 20.49
CA HIS C 395 9.71 -1.23 19.45
C HIS C 395 9.82 -1.77 18.02
N GLY C 396 10.94 -2.43 17.72
CA GLY C 396 11.17 -3.01 16.41
C GLY C 396 11.17 -1.94 15.33
N ALA C 397 10.29 -2.11 14.35
CA ALA C 397 10.20 -1.19 13.20
C ALA C 397 9.26 -0.01 13.45
N ASN C 398 8.58 0.01 14.60
CA ASN C 398 7.69 1.13 14.95
C ASN C 398 7.25 1.18 16.40
N ARG C 399 7.84 2.14 17.12
CA ARG C 399 7.42 2.60 18.45
C ARG C 399 5.93 3.02 18.53
N LEU C 400 5.18 2.40 19.45
CA LEU C 400 3.79 2.79 19.74
C LEU C 400 3.72 3.86 20.83
N GLY C 401 2.58 4.53 20.92
CA GLY C 401 2.38 5.60 21.88
C GLY C 401 2.41 5.08 23.30
N GLY C 402 3.18 5.75 24.15
CA GLY C 402 3.31 5.36 25.56
C GLY C 402 4.48 4.44 25.85
N ASN C 403 4.90 3.64 24.87
CA ASN C 403 5.91 2.60 25.09
C ASN C 403 7.33 3.16 25.26
N SER C 404 7.60 4.30 24.64
CA SER C 404 8.89 4.98 24.78
C SER C 404 9.10 5.55 26.18
N LEU C 405 8.04 5.73 26.97
CA LEU C 405 8.20 6.04 28.40
C LEU C 405 8.27 4.79 29.25
N LEU C 406 7.46 3.79 28.90
CA LEU C 406 7.38 2.57 29.68
C LEU C 406 8.68 1.76 29.65
N ASP C 407 9.36 1.70 28.51
CA ASP C 407 10.65 1.00 28.45
C ASP C 407 11.68 1.65 29.38
N LEU C 408 11.70 2.98 29.43
CA LEU C 408 12.59 3.76 30.32
C LEU C 408 12.50 3.28 31.75
N VAL C 409 11.28 3.18 32.25
CA VAL C 409 11.02 2.75 33.63
C VAL C 409 11.29 1.25 33.82
N VAL C 410 10.90 0.42 32.85
CA VAL C 410 11.06 -1.04 33.01
C VAL C 410 12.51 -1.50 32.83
N PHE C 411 13.19 -1.01 31.79
CA PHE C 411 14.56 -1.46 31.47
C PHE C 411 15.65 -0.70 32.23
N GLY C 412 15.37 0.54 32.62
CA GLY C 412 16.22 1.25 33.58
C GLY C 412 16.26 0.51 34.89
N ARG C 413 15.06 0.21 35.41
CA ARG C 413 14.92 -0.59 36.63
C ARG C 413 15.54 -1.97 36.47
N ALA C 414 15.33 -2.60 35.31
CA ALA C 414 15.84 -3.95 35.03
C ALA C 414 17.37 -3.99 35.07
N ALA C 415 17.98 -2.98 34.47
CA ALA C 415 19.43 -2.85 34.48
C ALA C 415 19.97 -2.67 35.91
N GLY C 416 19.21 -1.99 36.77
CA GLY C 416 19.52 -1.90 38.20
C GLY C 416 19.39 -3.23 38.92
N LEU C 417 18.28 -3.93 38.72
CA LEU C 417 18.02 -5.19 39.45
C LEU C 417 18.93 -6.35 39.08
N HIS C 418 19.50 -6.32 37.87
CA HIS C 418 20.39 -7.37 37.39
C HIS C 418 21.88 -6.97 37.45
N LEU C 419 22.18 -5.74 37.91
CA LEU C 419 23.53 -5.20 37.82
C LEU C 419 24.52 -6.00 38.65
N GLN C 420 24.18 -6.22 39.91
CA GLN C 420 25.05 -6.96 40.82
C GLN C 420 25.36 -8.37 40.28
N GLU C 421 24.39 -8.98 39.62
CA GLU C 421 24.58 -10.27 38.96
C GLU C 421 25.50 -10.11 37.75
N SER C 422 25.21 -9.12 36.90
CA SER C 422 26.01 -8.85 35.69
C SER C 422 27.48 -8.62 35.98
N ILE C 423 27.79 -7.96 37.10
CA ILE C 423 29.16 -7.77 37.55
C ILE C 423 29.80 -9.11 37.95
N ALA C 424 29.04 -9.98 38.63
CA ALA C 424 29.51 -11.33 38.99
C ALA C 424 29.79 -12.22 37.76
N GLU C 425 28.90 -12.15 36.76
CA GLU C 425 29.02 -12.94 35.50
C GLU C 425 30.26 -12.55 34.68
N GLN C 426 30.47 -11.25 34.50
CA GLN C 426 31.61 -10.74 33.72
C GLN C 426 32.95 -10.85 34.48
N GLY C 427 32.88 -11.01 35.80
CA GLY C 427 34.05 -11.21 36.64
C GLY C 427 34.75 -9.91 36.98
N ALA C 428 35.88 -10.02 37.68
CA ALA C 428 36.77 -8.89 37.90
C ALA C 428 37.29 -8.40 36.56
N LEU C 429 37.44 -7.09 36.42
CA LEU C 429 37.89 -6.48 35.18
C LEU C 429 39.28 -5.91 35.41
N ARG C 430 40.16 -6.10 34.43
CA ARG C 430 41.52 -5.57 34.51
C ARG C 430 41.48 -4.05 34.43
N ASP C 431 42.39 -3.40 35.16
CA ASP C 431 42.48 -1.95 35.15
C ASP C 431 42.82 -1.42 33.77
N ALA C 432 42.26 -0.27 33.42
CA ALA C 432 42.74 0.50 32.29
C ALA C 432 44.18 0.95 32.57
N SER C 433 45.03 0.93 31.55
CA SER C 433 46.36 1.57 31.62
C SER C 433 46.23 3.09 31.40
N GLU C 434 47.36 3.79 31.38
CA GLU C 434 47.40 5.21 31.01
C GLU C 434 47.04 5.41 29.55
N SER C 435 47.56 4.52 28.70
CA SER C 435 47.33 4.61 27.25
C SER C 435 45.90 4.27 26.85
N ASP C 436 45.23 3.41 27.64
CA ASP C 436 43.81 3.13 27.46
C ASP C 436 42.95 4.38 27.69
N VAL C 437 43.20 5.05 28.82
CA VAL C 437 42.52 6.30 29.15
C VAL C 437 42.91 7.36 28.12
N GLU C 438 44.20 7.42 27.76
CA GLU C 438 44.64 8.39 26.75
C GLU C 438 43.99 8.15 25.38
N ALA C 439 43.74 6.88 25.03
CA ALA C 439 43.06 6.56 23.77
C ALA C 439 41.66 7.17 23.67
N SER C 440 40.92 7.16 24.78
CA SER C 440 39.59 7.78 24.83
C SER C 440 39.60 9.28 24.65
N LEU C 441 40.77 9.93 24.71
CA LEU C 441 40.87 11.37 24.55
C LEU C 441 41.45 11.81 23.23
N ASP C 442 41.72 10.85 22.33
CA ASP C 442 42.31 11.20 21.04
C ASP C 442 41.44 12.16 20.24
N ARG C 443 40.14 11.95 20.30
CA ARG C 443 39.17 12.72 19.54
C ARG C 443 39.09 14.17 20.08
N LEU C 444 38.95 14.29 21.39
CA LEU C 444 39.08 15.56 22.10
C LEU C 444 40.38 16.28 21.73
N ASN C 445 41.48 15.53 21.75
CA ASN C 445 42.80 16.11 21.49
C ASN C 445 42.90 16.70 20.10
N ARG C 446 42.41 15.97 19.09
CA ARG C 446 42.44 16.46 17.72
C ARG C 446 41.76 17.83 17.62
N TRP C 447 40.58 17.97 18.22
CA TRP C 447 39.81 19.22 18.22
C TRP C 447 40.60 20.36 18.88
N ASN C 448 41.19 20.07 20.03
CA ASN C 448 41.98 21.07 20.76
C ASN C 448 43.25 21.48 20.08
N ASN C 449 43.73 20.68 19.13
CA ASN C 449 44.92 20.99 18.33
C ASN C 449 44.63 21.49 16.92
N ASN C 450 43.37 21.49 16.50
CA ASN C 450 43.03 22.03 15.20
C ASN C 450 42.43 23.42 15.36
N ARG C 451 43.11 24.42 14.81
CA ARG C 451 42.66 25.82 14.82
C ARG C 451 42.43 26.44 13.43
N ASN C 452 43.03 25.89 12.38
CA ASN C 452 42.99 26.49 11.04
C ASN C 452 42.09 25.76 10.04
N GLY C 453 41.63 24.56 10.38
CA GLY C 453 40.86 23.74 9.47
C GLY C 453 39.48 24.29 9.14
N GLU C 454 38.59 23.36 8.78
CA GLU C 454 37.31 23.70 8.18
C GLU C 454 36.22 24.06 9.21
N ASP C 455 35.26 24.90 8.79
CA ASP C 455 34.13 25.30 9.62
C ASP C 455 33.15 24.13 9.87
N PRO C 456 33.04 23.68 11.15
CA PRO C 456 32.18 22.51 11.44
C PRO C 456 30.68 22.78 11.33
N VAL C 457 30.29 24.06 11.40
CA VAL C 457 28.91 24.48 11.11
C VAL C 457 28.47 24.05 9.71
N ALA C 458 29.33 24.31 8.72
CA ALA C 458 29.10 23.92 7.34
C ALA C 458 28.97 22.39 7.15
N ILE C 459 29.83 21.64 7.83
CA ILE C 459 29.81 20.18 7.83
C ILE C 459 28.51 19.67 8.39
N ARG C 460 28.08 20.22 9.52
CA ARG C 460 26.83 19.80 10.16
C ARG C 460 25.67 19.98 9.20
N LYS C 461 25.63 21.15 8.54
CA LYS C 461 24.59 21.44 7.57
C LYS C 461 24.61 20.50 6.38
N ALA C 462 25.81 20.27 5.84
CA ALA C 462 25.99 19.32 4.72
C ALA C 462 25.53 17.91 5.11
N LEU C 463 25.93 17.45 6.30
CA LEU C 463 25.49 16.16 6.86
C LEU C 463 23.96 16.01 6.94
N GLN C 464 23.33 16.97 7.59
CA GLN C 464 21.88 16.92 7.82
C GLN C 464 21.11 16.94 6.52
N GLU C 465 21.58 17.74 5.57
CA GLU C 465 21.01 17.77 4.22
C GLU C 465 21.07 16.40 3.54
N CYS C 466 22.26 15.80 3.55
CA CYS C 466 22.46 14.49 2.91
C CYS C 466 21.56 13.44 3.51
N MET C 467 21.43 13.46 4.84
CA MET C 467 20.60 12.48 5.54
C MET C 467 19.11 12.69 5.24
N GLN C 468 18.67 13.95 5.26
CA GLN C 468 17.29 14.31 4.94
C GLN C 468 16.87 13.86 3.51
N HIS C 469 17.73 14.14 2.54
CA HIS C 469 17.47 13.85 1.14
C HIS C 469 17.50 12.36 0.77
N ASN C 470 18.49 11.65 1.30
CA ASN C 470 18.83 10.30 0.88
C ASN C 470 18.56 9.20 1.89
N PHE C 471 18.41 9.54 3.16
CA PHE C 471 18.34 8.54 4.23
C PHE C 471 17.22 8.78 5.22
N SER C 472 16.19 9.49 4.81
CA SER C 472 15.07 9.79 5.70
C SER C 472 13.86 9.02 5.17
N VAL C 473 12.92 9.71 4.57
CA VAL C 473 11.64 9.10 4.15
C VAL C 473 11.58 8.74 2.67
N PHE C 474 12.59 9.20 1.91
CA PHE C 474 12.85 8.72 0.56
C PHE C 474 14.10 7.84 0.57
N ARG C 475 13.90 6.51 0.55
CA ARG C 475 15.00 5.56 0.51
C ARG C 475 14.88 4.74 -0.78
N GLU C 476 15.87 4.91 -1.65
CA GLU C 476 15.96 4.25 -2.95
C GLU C 476 17.46 3.98 -3.21
N GLY C 477 17.75 2.83 -3.85
CA GLY C 477 19.12 2.28 -3.96
C GLY C 477 20.16 3.16 -4.62
N ASP C 478 19.83 3.69 -5.81
CA ASP C 478 20.71 4.62 -6.54
C ASP C 478 20.98 5.90 -5.78
N ALA C 479 19.92 6.49 -5.21
CA ALA C 479 20.08 7.71 -4.42
C ALA C 479 20.97 7.47 -3.19
N MET C 480 20.77 6.31 -2.56
CA MET C 480 21.52 5.97 -1.34
C MET C 480 23.00 5.69 -1.66
N ALA C 481 23.24 5.00 -2.77
CA ALA C 481 24.60 4.78 -3.24
C ALA C 481 25.38 6.11 -3.36
N LYS C 482 24.74 7.12 -3.95
CA LYS C 482 25.35 8.45 -4.08
C LYS C 482 25.49 9.13 -2.71
N GLY C 483 24.43 9.01 -1.89
CA GLY C 483 24.43 9.50 -0.53
C GLY C 483 25.60 8.98 0.29
N LEU C 484 25.84 7.67 0.22
CA LEU C 484 26.97 7.07 0.95
C LEU C 484 28.32 7.66 0.51
N GLU C 485 28.51 7.86 -0.79
CA GLU C 485 29.72 8.52 -1.29
C GLU C 485 29.86 9.90 -0.67
N GLN C 486 28.77 10.66 -0.65
CA GLN C 486 28.78 12.00 -0.02
C GLN C 486 29.13 11.94 1.47
N LEU C 487 28.55 10.98 2.20
CA LEU C 487 28.81 10.83 3.64
C LEU C 487 30.26 10.47 3.97
N LYS C 488 30.90 9.69 3.09
CA LYS C 488 32.31 9.38 3.23
C LYS C 488 33.18 10.62 3.09
N VAL C 489 32.82 11.49 2.15
CA VAL C 489 33.52 12.77 1.95
C VAL C 489 33.29 13.73 3.12
N ILE C 490 32.04 13.84 3.55
CA ILE C 490 31.68 14.66 4.71
C ILE C 490 32.44 14.23 6.00
N ARG C 491 32.52 12.92 6.21
CA ARG C 491 33.25 12.31 7.32
C ARG C 491 34.76 12.65 7.35
N GLU C 492 35.38 12.74 6.19
CA GLU C 492 36.79 13.11 6.14
C GLU C 492 36.98 14.60 6.39
N ARG C 493 36.04 15.41 5.91
CA ARG C 493 36.06 16.84 6.20
C ARG C 493 36.07 17.11 7.71
N LEU C 494 35.31 16.32 8.45
CA LEU C 494 35.19 16.44 9.90
C LEU C 494 36.47 16.10 10.62
N LYS C 495 37.32 15.29 9.97
CA LYS C 495 38.68 15.03 10.43
C LYS C 495 39.69 16.18 10.27
N ASN C 496 39.39 17.21 9.47
CA ASN C 496 40.19 18.46 9.45
C ASN C 496 39.35 19.67 9.83
N ALA C 497 38.44 19.47 10.79
CA ALA C 497 37.56 20.54 11.28
C ALA C 497 38.20 21.24 12.48
N ARG C 498 38.01 22.56 12.54
CA ARG C 498 38.60 23.41 13.55
C ARG C 498 37.68 23.64 14.74
N LEU C 499 38.30 23.95 15.88
CA LEU C 499 37.62 24.51 17.04
C LEU C 499 38.24 25.89 17.22
N ASP C 500 37.48 26.97 17.07
CA ASP C 500 38.03 28.33 17.29
C ASP C 500 38.31 28.60 18.77
N ASP C 501 37.35 28.27 19.64
CA ASP C 501 37.45 28.61 21.05
C ASP C 501 38.49 27.72 21.76
N THR C 502 39.53 28.34 22.31
CA THR C 502 40.60 27.65 23.03
C THR C 502 40.41 27.63 24.55
N SER C 503 39.37 28.31 25.05
CA SER C 503 39.21 28.50 26.48
C SER C 503 38.86 27.21 27.19
N SER C 504 39.13 27.19 28.49
CA SER C 504 38.90 26.03 29.32
C SER C 504 37.48 25.99 29.86
N GLU C 505 37.01 27.11 30.38
CA GLU C 505 35.72 27.19 31.08
C GLU C 505 34.62 27.55 30.14
N PHE C 506 33.46 26.91 30.35
CA PHE C 506 32.23 27.04 29.57
C PHE C 506 32.46 27.14 28.07
N ASN C 507 33.33 26.28 27.52
CA ASN C 507 33.59 26.24 26.08
C ASN C 507 32.53 25.38 25.42
N THR C 508 31.43 26.04 25.05
CA THR C 508 30.29 25.40 24.40
C THR C 508 30.62 24.93 22.99
N GLN C 509 31.47 25.67 22.28
CA GLN C 509 31.85 25.31 20.92
C GLN C 509 32.53 23.93 20.90
N ARG C 510 33.41 23.70 21.87
CA ARG C 510 34.06 22.41 22.02
C ARG C 510 33.02 21.30 22.12
N VAL C 511 32.01 21.49 22.98
CA VAL C 511 30.96 20.47 23.17
C VAL C 511 30.18 20.20 21.88
N GLU C 512 29.85 21.29 21.18
CA GLU C 512 29.18 21.22 19.88
C GLU C 512 29.98 20.48 18.81
N CYS C 513 31.31 20.68 18.81
CA CYS C 513 32.19 19.99 17.88
C CYS C 513 32.24 18.51 18.19
N LEU C 514 32.43 18.17 19.46
CA LEU C 514 32.39 16.77 19.90
C LEU C 514 31.07 16.11 19.58
N GLU C 515 29.96 16.85 19.76
CA GLU C 515 28.62 16.37 19.42
C GLU C 515 28.48 16.03 17.93
N LEU C 516 29.10 16.86 17.07
CA LEU C 516 29.10 16.63 15.62
C LEU C 516 29.70 15.29 15.20
N ASP C 517 30.76 14.88 15.88
CA ASP C 517 31.38 13.55 15.64
C ASP C 517 30.37 12.45 15.92
N ASN C 518 29.56 12.63 16.96
CA ASN C 518 28.58 11.62 17.31
C ASN C 518 27.41 11.58 16.34
N LEU C 519 26.97 12.75 15.87
CA LEU C 519 26.02 12.81 14.76
C LEU C 519 26.51 12.08 13.51
N MET C 520 27.78 12.27 13.17
CA MET C 520 28.39 11.65 11.95
C MET C 520 28.38 10.15 12.03
N GLU C 521 28.71 9.62 13.19
CA GLU C 521 28.79 8.19 13.40
C GLU C 521 27.40 7.60 13.40
N THR C 522 26.47 8.28 14.07
CA THR C 522 25.05 7.85 14.09
C THR C 522 24.44 7.87 12.68
N ALA C 523 24.65 8.96 11.96
CA ALA C 523 24.21 9.11 10.56
C ALA C 523 24.75 8.04 9.60
N TYR C 524 26.04 7.72 9.74
CA TYR C 524 26.69 6.73 8.87
C TYR C 524 26.17 5.33 9.14
N ALA C 525 26.02 4.97 10.41
CA ALA C 525 25.43 3.69 10.77
C ALA C 525 24.00 3.59 10.23
N THR C 526 23.22 4.66 10.40
CA THR C 526 21.84 4.73 9.88
C THR C 526 21.81 4.52 8.39
N ALA C 527 22.70 5.22 7.69
CA ALA C 527 22.75 5.25 6.22
C ALA C 527 23.12 3.90 5.61
N VAL C 528 24.18 3.31 6.15
CA VAL C 528 24.62 1.99 5.78
C VAL C 528 23.54 0.96 6.06
N SER C 529 22.89 1.06 7.21
CA SER C 529 21.82 0.12 7.57
C SER C 529 20.58 0.26 6.66
N ALA C 530 20.24 1.50 6.30
CA ALA C 530 19.09 1.78 5.43
C ALA C 530 19.29 1.20 4.04
N ASN C 531 20.50 1.31 3.53
CA ASN C 531 20.84 0.76 2.23
C ASN C 531 20.81 -0.79 2.24
N PHE C 532 21.19 -1.38 3.37
CA PHE C 532 21.27 -2.83 3.56
C PHE C 532 19.92 -3.52 3.53
N ARG C 533 18.93 -2.98 4.26
CA ARG C 533 17.64 -3.62 4.34
C ARG C 533 16.86 -3.36 3.06
N THR C 534 16.87 -4.35 2.16
CA THR C 534 16.17 -4.29 0.87
C THR C 534 14.74 -4.84 1.03
N GLU C 535 13.98 -4.15 1.86
CA GLU C 535 12.54 -4.36 2.01
C GLU C 535 11.95 -3.07 2.57
N SER C 536 10.63 -3.05 2.73
CA SER C 536 9.95 -2.02 3.51
C SER C 536 9.28 -2.67 4.71
N ARG C 537 9.55 -2.16 5.90
CA ARG C 537 8.96 -2.69 7.13
C ARG C 537 8.84 -1.52 8.11
N GLY C 538 7.65 -1.31 8.68
CA GLY C 538 7.42 -0.26 9.69
C GLY C 538 7.88 1.09 9.18
N ALA C 539 8.77 1.74 9.94
CA ALA C 539 9.27 3.07 9.60
C ALA C 539 10.32 3.08 8.48
N HIS C 540 10.78 1.90 8.08
CA HIS C 540 11.76 1.78 7.02
C HIS C 540 11.00 1.48 5.76
N SER C 541 10.85 2.51 4.92
CA SER C 541 10.14 2.39 3.67
C SER C 541 11.11 2.53 2.50
N ARG C 542 11.21 1.46 1.72
CA ARG C 542 11.97 1.47 0.49
C ARG C 542 11.06 1.49 -0.71
N PHE C 543 11.24 2.58 -1.46
CA PHE C 543 10.54 2.83 -2.70
C PHE C 543 10.81 1.76 -3.75
N ASP C 544 12.02 1.22 -3.77
CA ASP C 544 12.45 0.19 -4.69
C ASP C 544 12.19 -1.25 -4.21
N PHE C 545 11.88 -1.43 -2.93
CA PHE C 545 11.46 -2.72 -2.37
C PHE C 545 10.25 -2.51 -1.46
N PRO C 546 9.06 -2.32 -2.07
CA PRO C 546 7.90 -1.83 -1.28
C PRO C 546 7.26 -2.78 -0.27
N ASP C 547 7.55 -4.08 -0.33
CA ASP C 547 6.90 -5.06 0.56
C ASP C 547 7.71 -5.56 1.75
N ARG C 548 6.96 -5.98 2.77
CA ARG C 548 7.49 -6.74 3.90
C ARG C 548 7.96 -8.12 3.42
N ASP C 549 9.20 -8.46 3.74
CA ASP C 549 9.83 -9.71 3.30
C ASP C 549 10.16 -10.55 4.52
N ASP C 550 9.19 -11.31 5.00
CA ASP C 550 9.35 -12.14 6.21
C ASP C 550 10.34 -13.30 6.04
N GLU C 551 10.46 -13.82 4.82
CA GLU C 551 11.36 -14.95 4.57
C GLU C 551 12.84 -14.56 4.72
N ASN C 552 13.18 -13.35 4.26
CA ASN C 552 14.57 -12.87 4.26
C ASN C 552 14.93 -11.78 5.29
N TRP C 553 13.96 -10.94 5.67
CA TRP C 553 14.23 -9.78 6.52
C TRP C 553 13.46 -9.74 7.84
N LEU C 554 12.88 -10.86 8.26
CA LEU C 554 12.36 -10.97 9.62
C LEU C 554 13.55 -11.22 10.53
N CYS C 555 14.29 -10.14 10.77
CA CYS C 555 15.55 -10.16 11.50
C CYS C 555 15.88 -8.71 11.82
N HIS C 556 16.95 -8.52 12.60
CA HIS C 556 17.49 -7.20 12.85
C HIS C 556 18.66 -6.91 11.91
N SER C 557 18.92 -5.64 11.68
CA SER C 557 20.11 -5.17 11.02
C SER C 557 21.16 -4.97 12.11
N LEU C 558 22.41 -5.26 11.80
CA LEU C 558 23.49 -5.09 12.76
C LEU C 558 24.69 -4.52 12.01
N TYR C 559 25.08 -3.32 12.43
CA TYR C 559 26.21 -2.59 11.89
C TYR C 559 27.42 -2.92 12.76
N LEU C 560 28.45 -3.50 12.14
CA LEU C 560 29.69 -3.89 12.79
C LEU C 560 30.69 -2.76 12.56
N PRO C 561 31.01 -1.99 13.61
CA PRO C 561 31.90 -0.83 13.41
C PRO C 561 33.34 -1.17 13.03
N GLU C 562 33.83 -2.32 13.50
CA GLU C 562 35.20 -2.71 13.24
C GLU C 562 35.45 -3.11 11.79
N SER C 563 34.42 -3.51 11.05
CA SER C 563 34.51 -3.68 9.59
C SER C 563 33.72 -2.66 8.76
N GLU C 564 32.87 -1.85 9.40
CA GLU C 564 31.91 -0.95 8.70
C GLU C 564 31.01 -1.70 7.71
N SER C 565 30.54 -2.87 8.13
CA SER C 565 29.70 -3.74 7.31
C SER C 565 28.50 -4.23 8.09
N MET C 566 27.57 -4.81 7.35
CA MET C 566 26.28 -5.18 7.89
C MET C 566 26.15 -6.69 7.98
N THR C 567 25.43 -7.12 9.01
CA THR C 567 24.95 -8.47 9.09
C THR C 567 23.54 -8.46 9.70
N ARG C 568 22.99 -9.66 9.85
CA ARG C 568 21.64 -9.82 10.41
C ARG C 568 21.77 -10.39 11.81
N ARG C 569 20.70 -10.25 12.58
CA ARG C 569 20.64 -10.84 13.91
C ARG C 569 19.17 -11.29 14.15
N SER C 570 19.02 -12.48 14.72
CA SER C 570 17.72 -13.12 14.91
C SER C 570 16.78 -12.32 15.78
N VAL C 571 15.51 -12.26 15.38
CA VAL C 571 14.45 -11.73 16.22
C VAL C 571 13.97 -12.86 17.12
N ASN C 572 13.74 -12.57 18.40
CA ASN C 572 13.10 -13.52 19.30
C ASN C 572 11.63 -13.63 18.92
N MET C 573 11.19 -14.85 18.66
CA MET C 573 9.80 -15.13 18.28
C MET C 573 9.21 -16.13 19.26
N GLU C 574 9.59 -16.02 20.53
CA GLU C 574 9.26 -17.05 21.51
C GLU C 574 9.07 -16.43 22.88
N PRO C 575 7.81 -16.16 23.25
CA PRO C 575 7.53 -15.83 24.64
C PRO C 575 7.66 -17.06 25.56
N LYS C 576 7.99 -16.82 26.82
CA LYS C 576 8.12 -17.88 27.82
C LYS C 576 6.75 -18.45 28.26
N LEU C 577 5.82 -17.57 28.63
CA LEU C 577 4.49 -17.96 29.11
C LEU C 577 3.50 -18.33 27.99
N ARG C 578 3.35 -17.42 27.03
CA ARG C 578 2.32 -17.50 25.98
C ARG C 578 2.89 -18.06 24.67
N PRO C 579 2.01 -18.46 23.72
CA PRO C 579 2.45 -18.79 22.36
C PRO C 579 2.95 -17.59 21.54
N ALA C 580 3.66 -17.89 20.46
CA ALA C 580 4.25 -16.87 19.59
C ALA C 580 3.21 -16.12 18.74
N PHE C 581 3.66 -15.02 18.14
CA PHE C 581 2.83 -14.13 17.32
C PHE C 581 3.32 -14.17 15.87
N PRO C 582 2.67 -14.99 15.01
CA PRO C 582 3.19 -15.17 13.64
C PRO C 582 2.88 -13.99 12.69
N PRO C 583 3.75 -13.76 11.68
CA PRO C 583 3.49 -12.77 10.62
C PRO C 583 2.70 -13.35 9.44
N ASP D 15 26.42 36.03 37.77
CA ASP D 15 27.25 36.85 36.83
C ASP D 15 26.54 37.07 35.49
N ILE D 16 26.25 38.32 35.18
CA ILE D 16 25.54 38.71 33.94
C ILE D 16 26.44 38.82 32.71
N ASN D 17 27.75 38.98 32.92
CA ASN D 17 28.71 39.07 31.80
C ASN D 17 29.25 37.70 31.35
N ASN D 18 28.91 36.65 32.10
CA ASN D 18 29.28 35.29 31.74
C ASN D 18 28.28 34.75 30.72
N LYS D 19 28.45 35.19 29.48
CA LYS D 19 27.58 34.84 28.37
C LYS D 19 27.62 33.32 28.12
N ALA D 20 28.83 32.78 28.07
CA ALA D 20 29.07 31.34 27.87
C ALA D 20 28.26 30.42 28.79
N ARG D 21 28.22 30.76 30.08
CA ARG D 21 27.43 30.01 31.08
C ARG D 21 25.92 30.05 30.79
N ILE D 22 25.41 31.22 30.44
CA ILE D 22 23.98 31.43 30.21
C ILE D 22 23.56 30.76 28.89
N HIS D 23 24.42 30.86 27.88
CA HIS D 23 24.21 30.15 26.62
C HIS D 23 23.93 28.66 26.84
N TRP D 24 24.68 28.01 27.73
CA TRP D 24 24.40 26.61 28.07
C TRP D 24 23.01 26.42 28.70
N ALA D 25 22.63 27.31 29.61
CA ALA D 25 21.29 27.27 30.23
C ALA D 25 20.11 27.38 29.24
N CYS D 26 20.36 27.88 28.03
CA CYS D 26 19.35 27.91 26.96
C CYS D 26 19.09 26.55 26.27
N ARG D 27 19.89 25.51 26.57
CA ARG D 27 19.65 24.17 26.04
C ARG D 27 18.58 23.45 26.87
N ARG D 28 17.42 23.21 26.26
CA ARG D 28 16.26 22.68 26.96
C ARG D 28 15.91 21.23 26.61
N GLY D 29 14.91 20.71 27.31
CA GLY D 29 14.30 19.42 27.00
C GLY D 29 13.23 19.41 25.94
N MET D 30 12.88 20.58 25.39
CA MET D 30 11.87 20.75 24.35
C MET D 30 12.41 21.57 23.17
N ARG D 31 12.30 21.03 21.96
CA ARG D 31 12.68 21.75 20.72
C ARG D 31 12.02 23.14 20.60
N GLU D 32 10.80 23.26 21.12
CA GLU D 32 10.04 24.50 21.12
C GLU D 32 10.71 25.63 21.91
N LEU D 33 11.33 25.26 23.03
CA LEU D 33 12.06 26.22 23.84
C LEU D 33 13.42 26.55 23.22
N ASP D 34 14.07 25.57 22.63
CA ASP D 34 15.32 25.85 21.90
C ASP D 34 15.09 26.92 20.83
N ILE D 35 13.99 26.78 20.09
CA ILE D 35 13.58 27.74 19.07
C ILE D 35 13.26 29.13 19.62
N SER D 36 12.61 29.20 20.77
CA SER D 36 12.19 30.45 21.38
C SER D 36 13.34 31.18 22.06
N ILE D 37 14.08 30.44 22.88
CA ILE D 37 15.09 30.99 23.75
C ILE D 37 16.46 31.21 23.13
N MET D 38 16.99 30.25 22.36
CA MET D 38 18.35 30.37 21.84
CA MET D 38 18.35 30.39 21.83
C MET D 38 18.52 31.61 20.93
N PRO D 39 17.58 31.82 19.98
CA PRO D 39 17.76 33.01 19.13
C PRO D 39 17.52 34.32 19.87
N PHE D 40 16.57 34.33 20.81
CA PHE D 40 16.38 35.48 21.68
C PHE D 40 17.68 35.82 22.41
N PHE D 41 18.32 34.82 22.98
CA PHE D 41 19.59 35.03 23.67
C PHE D 41 20.69 35.49 22.71
N GLU D 42 20.84 34.80 21.58
CA GLU D 42 21.92 35.11 20.61
C GLU D 42 21.80 36.54 20.02
N HIS D 43 20.57 36.95 19.73
CA HIS D 43 20.25 38.33 19.39
C HIS D 43 19.74 38.93 20.70
N GLU D 44 19.38 40.19 20.78
CA GLU D 44 18.71 40.69 22.00
C GLU D 44 19.45 40.69 23.37
N TYR D 45 20.15 39.61 23.78
CA TYR D 45 20.72 39.57 25.14
C TYR D 45 21.60 40.78 25.45
N ASP D 46 22.49 41.12 24.52
CA ASP D 46 23.37 42.28 24.65
C ASP D 46 22.64 43.62 24.66
N SER D 47 21.48 43.64 24.01
CA SER D 47 20.53 44.74 24.10
C SER D 47 19.95 44.94 25.50
N LEU D 48 19.96 43.91 26.35
CA LEU D 48 19.30 44.00 27.67
C LEU D 48 20.08 44.85 28.70
N SER D 49 19.33 45.45 29.62
CA SER D 49 19.94 46.09 30.78
C SER D 49 20.37 45.03 31.78
N ASP D 50 21.11 45.43 32.81
CA ASP D 50 21.63 44.47 33.80
C ASP D 50 20.49 43.84 34.60
N ASP D 51 19.51 44.65 34.96
CA ASP D 51 18.28 44.16 35.61
C ASP D 51 17.52 43.20 34.72
N GLU D 52 17.42 43.51 33.43
CA GLU D 52 16.76 42.62 32.49
C GLU D 52 17.54 41.30 32.33
N LYS D 53 18.86 41.41 32.22
CA LYS D 53 19.74 40.26 32.14
C LYS D 53 19.54 39.34 33.35
N ARG D 54 19.48 39.95 34.53
CA ARG D 54 19.18 39.21 35.77
C ARG D 54 17.84 38.49 35.72
N ILE D 55 16.81 39.19 35.24
CA ILE D 55 15.48 38.61 35.13
C ILE D 55 15.47 37.44 34.15
N PHE D 56 16.23 37.56 33.05
CA PHE D 56 16.29 36.50 32.06
C PHE D 56 16.91 35.24 32.63
N ILE D 57 18.00 35.41 33.38
CA ILE D 57 18.68 34.31 34.03
C ILE D 57 17.73 33.61 35.02
N ARG D 58 17.01 34.40 35.82
CA ARG D 58 16.00 33.84 36.74
C ARG D 58 14.97 33.02 35.94
N LEU D 59 14.49 33.56 34.83
CA LEU D 59 13.52 32.86 33.97
C LEU D 59 13.98 31.47 33.53
N LEU D 60 15.27 31.35 33.19
CA LEU D 60 15.83 30.10 32.73
C LEU D 60 15.89 29.05 33.83
N GLU D 61 15.86 29.47 35.10
CA GLU D 61 15.73 28.53 36.20
C GLU D 61 14.37 27.82 36.24
N CYS D 62 13.34 28.38 35.58
CA CYS D 62 11.99 27.79 35.62
C CYS D 62 11.91 26.42 34.93
N ASP D 63 10.78 25.73 35.13
CA ASP D 63 10.56 24.42 34.53
C ASP D 63 10.21 24.56 33.05
N ASP D 64 10.61 23.56 32.27
CA ASP D 64 10.35 23.56 30.82
C ASP D 64 8.85 23.62 30.48
N PRO D 65 8.01 22.76 31.10
CA PRO D 65 6.57 22.85 30.82
C PRO D 65 6.01 24.25 31.05
N ASP D 66 6.41 24.89 32.13
CA ASP D 66 5.94 26.26 32.42
C ASP D 66 6.41 27.27 31.39
N LEU D 67 7.69 27.24 31.05
CA LEU D 67 8.22 28.12 30.02
C LEU D 67 7.47 27.98 28.72
N PHE D 68 7.17 26.73 28.34
CA PHE D 68 6.48 26.46 27.11
C PHE D 68 5.06 26.98 27.17
N ASN D 69 4.34 26.69 28.26
CA ASN D 69 2.97 27.16 28.43
C ASN D 69 2.90 28.69 28.45
N TRP D 70 3.84 29.33 29.15
CA TRP D 70 3.90 30.79 29.19
C TRP D 70 4.14 31.38 27.80
N LEU D 71 5.08 30.84 27.05
CA LEU D 71 5.34 31.34 25.68
C LEU D 71 4.13 31.15 24.75
N MET D 72 3.34 30.12 25.03
CA MET D 72 2.09 29.82 24.33
C MET D 72 0.81 30.45 24.93
N ASN D 73 0.95 31.25 25.98
CA ASN D 73 -0.14 31.95 26.66
C ASN D 73 -1.20 31.02 27.22
N HIS D 74 -0.78 29.85 27.70
CA HIS D 74 -1.60 29.02 28.54
C HIS D 74 -1.08 29.34 29.92
N GLY D 75 -1.69 30.36 30.54
CA GLY D 75 -1.26 30.85 31.85
C GLY D 75 -0.09 31.80 31.72
N LYS D 76 0.49 32.16 32.86
CA LYS D 76 1.56 33.16 32.91
C LYS D 76 2.33 33.10 34.24
N PRO D 77 3.54 33.68 34.30
CA PRO D 77 4.25 33.71 35.57
C PRO D 77 3.50 34.58 36.60
N ALA D 78 3.55 34.16 37.87
CA ALA D 78 2.98 34.92 38.97
C ALA D 78 3.78 36.21 39.19
N ASP D 79 5.09 36.08 39.05
CA ASP D 79 6.00 37.18 39.22
C ASP D 79 5.95 38.11 38.00
N ALA D 80 5.62 39.37 38.25
CA ALA D 80 5.49 40.39 37.22
C ALA D 80 6.73 40.58 36.32
N GLU D 81 7.93 40.48 36.90
CA GLU D 81 9.17 40.62 36.13
C GLU D 81 9.36 39.52 35.08
N LEU D 82 9.04 38.29 35.46
CA LEU D 82 9.12 37.15 34.53
C LEU D 82 8.07 37.28 33.43
N GLU D 83 6.86 37.69 33.79
CA GLU D 83 5.81 37.90 32.78
C GLU D 83 6.33 38.86 31.72
N MET D 84 6.87 39.98 32.18
CA MET D 84 7.52 40.92 31.32
C MET D 84 8.55 40.25 30.39
N MET D 85 9.40 39.37 30.92
CA MET D 85 10.46 38.76 30.13
C MET D 85 9.89 37.79 29.08
N VAL D 86 8.83 37.07 29.45
CA VAL D 86 8.10 36.23 28.50
C VAL D 86 7.58 37.07 27.31
N ARG D 87 6.99 38.23 27.58
CA ARG D 87 6.45 39.12 26.51
C ARG D 87 7.56 39.65 25.62
N LEU D 88 8.69 39.96 26.23
CA LEU D 88 9.82 40.51 25.53
C LEU D 88 10.38 39.48 24.56
N ILE D 89 10.46 38.23 25.03
CA ILE D 89 10.82 37.12 24.17
C ILE D 89 9.81 36.99 23.03
N GLN D 90 8.54 36.88 23.38
CA GLN D 90 7.44 36.77 22.39
C GLN D 90 7.51 37.88 21.32
N THR D 91 7.63 39.14 21.76
CA THR D 91 7.67 40.27 20.84
C THR D 91 8.91 40.29 19.95
N ARG D 92 10.08 40.12 20.55
CA ARG D 92 11.35 40.15 19.80
C ARG D 92 11.43 39.00 18.78
N ASN D 93 10.98 37.80 19.19
CA ASN D 93 10.93 36.65 18.29
C ASN D 93 9.95 36.88 17.15
N ARG D 94 8.76 37.40 17.48
CA ARG D 94 7.75 37.71 16.46
C ARG D 94 8.28 38.73 15.42
N GLU D 95 8.97 39.77 15.89
CA GLU D 95 9.57 40.78 15.01
C GLU D 95 10.68 40.24 14.11
N ARG D 96 11.48 39.30 14.61
CA ARG D 96 12.67 38.80 13.89
C ARG D 96 12.34 37.88 12.71
N GLY D 97 11.32 37.04 12.86
CA GLY D 97 10.98 36.02 11.86
C GLY D 97 11.56 34.66 12.23
N PRO D 98 11.53 33.69 11.29
CA PRO D 98 12.07 32.34 11.61
C PRO D 98 13.60 32.21 11.48
N VAL D 99 14.15 31.18 12.14
CA VAL D 99 15.59 30.79 12.12
C VAL D 99 16.33 31.11 10.80
#